data_4I9Y
#
_entry.id   4I9Y
#
_cell.length_a   104.062
_cell.length_b   97.132
_cell.length_c   108.151
_cell.angle_alpha   90.00
_cell.angle_beta   117.38
_cell.angle_gamma   90.00
#
_symmetry.space_group_name_H-M   'P 1 21 1'
#
loop_
_entity.id
_entity.type
_entity.pdbx_description
1 polymer 'E3 SUMO-protein ligase RanBP2'
2 non-polymer GLYCEROL
3 non-polymer 'CHLORIDE ION'
4 non-polymer 'L(+)-TARTARIC ACID'
5 water water
#
_entity_poly.entity_id   1
_entity_poly.type   'polypeptide(L)'
_entity_poly.pdbx_seq_one_letter_code
;GPHMTNPVVFFDVCADGEPLGRITMELFSNIVPRTAENFRALCTGEKGFGFKNSIFHRVIPDFVCQGGDITKHDGTGGQS
IYGDKFEDENFDVKHTGPGLLSMANQGQNTNNSQFVITLKKAEHLDFKHVVFGFVKDGMDTVKKIESFGSPKGSVCRRIT
ITECGQI
;
_entity_poly.pdbx_strand_id   A,B,C,D,E,F
#
# COMPACT_ATOMS: atom_id res chain seq x y z
N GLY A 1 -2.31 10.82 51.11
CA GLY A 1 -1.98 11.78 50.00
C GLY A 1 -0.64 11.46 49.37
N PRO A 2 -0.06 12.42 48.63
CA PRO A 2 1.27 12.19 48.10
C PRO A 2 2.22 11.79 49.24
N HIS A 3 3.11 10.85 48.99
CA HIS A 3 4.03 10.39 50.02
C HIS A 3 5.20 9.62 49.43
N MET A 4 6.35 9.73 50.09
N MET A 4 6.35 9.75 50.08
CA MET A 4 7.58 9.11 49.61
CA MET A 4 7.58 9.12 49.62
C MET A 4 7.47 7.59 49.56
C MET A 4 7.49 7.59 49.58
N THR A 5 6.63 7.00 50.40
CA THR A 5 6.51 5.55 50.46
C THR A 5 5.63 4.97 49.36
N ASN A 6 4.88 5.82 48.66
CA ASN A 6 4.01 5.34 47.60
C ASN A 6 4.80 4.84 46.39
N PRO A 7 4.32 3.75 45.75
CA PRO A 7 5.05 3.25 44.58
C PRO A 7 4.97 4.22 43.42
N VAL A 8 5.99 4.18 42.57
CA VAL A 8 6.08 5.02 41.39
C VAL A 8 6.27 4.13 40.19
N VAL A 9 5.48 4.36 39.15
CA VAL A 9 5.51 3.52 37.95
C VAL A 9 5.60 4.41 36.71
N PHE A 10 5.89 3.81 35.55
CA PHE A 10 6.01 4.60 34.34
C PHE A 10 5.49 3.87 33.12
N PHE A 11 5.08 4.67 32.14
CA PHE A 11 4.78 4.21 30.79
C PHE A 11 5.67 4.96 29.81
N ASP A 12 6.29 4.25 28.88
CA ASP A 12 6.87 4.87 27.69
C ASP A 12 5.86 4.69 26.55
N VAL A 13 5.49 5.80 25.91
CA VAL A 13 4.36 5.80 24.98
C VAL A 13 4.83 6.19 23.58
N CYS A 14 4.22 5.56 22.59
CA CYS A 14 4.50 5.81 21.17
CA CYS A 14 4.49 5.89 21.20
C CYS A 14 3.19 6.00 20.41
N ALA A 15 3.22 6.78 19.33
CA ALA A 15 2.04 6.98 18.49
C ALA A 15 2.48 6.60 17.09
N ASP A 16 2.01 5.48 16.56
N ASP A 16 2.00 5.45 16.66
CA ASP A 16 2.42 5.05 15.22
CA ASP A 16 2.62 4.68 15.60
C ASP A 16 3.92 5.24 14.93
C ASP A 16 4.12 4.60 15.93
N GLY A 17 4.78 4.77 15.82
N GLY A 17 4.96 5.04 15.00
CA GLY A 17 6.22 4.84 15.58
CA GLY A 17 6.39 5.02 15.23
C GLY A 17 6.92 6.09 16.11
C GLY A 17 6.95 6.32 15.74
N GLU A 18 6.13 7.12 16.44
CA GLU A 18 6.63 8.38 16.98
C GLU A 18 6.70 8.29 18.50
N PRO A 19 7.90 8.45 19.08
CA PRO A 19 8.03 8.45 20.55
CA PRO A 19 8.01 8.44 20.55
C PRO A 19 7.37 9.67 21.17
N LEU A 20 6.51 9.44 22.17
CA LEU A 20 5.84 10.55 22.85
C LEU A 20 6.46 10.87 24.20
N GLY A 21 7.32 9.98 24.68
CA GLY A 21 7.99 10.19 25.95
C GLY A 21 7.46 9.34 27.08
N ARG A 22 7.92 9.64 28.30
CA ARG A 22 7.62 8.85 29.49
C ARG A 22 6.64 9.56 30.42
N ILE A 23 5.62 8.83 30.84
CA ILE A 23 4.72 9.28 31.91
C ILE A 23 5.12 8.60 33.20
N THR A 24 5.34 9.37 34.26
CA THR A 24 5.70 8.81 35.56
C THR A 24 4.56 9.08 36.53
N MET A 25 4.13 8.05 37.25
CA MET A 25 2.92 8.12 38.09
C MET A 25 3.19 7.64 39.51
N GLU A 26 2.67 8.37 40.49
CA GLU A 26 2.70 7.95 41.88
C GLU A 26 1.34 7.34 42.20
N LEU A 27 1.33 6.20 42.87
CA LEU A 27 0.09 5.48 43.17
C LEU A 27 -0.20 5.61 44.65
N PHE A 28 -1.45 5.91 44.99
CA PHE A 28 -1.82 6.17 46.39
C PHE A 28 -2.04 4.88 47.17
N SER A 29 -0.99 4.11 47.37
CA SER A 29 -1.06 2.89 48.15
CA SER A 29 -1.04 2.88 48.15
C SER A 29 -1.53 3.17 49.56
N ASN A 30 -1.26 4.38 50.04
CA ASN A 30 -1.67 4.75 51.39
C ASN A 30 -3.16 5.12 51.52
N ILE A 31 -3.87 5.15 50.39
CA ILE A 31 -5.31 5.48 50.37
C ILE A 31 -6.15 4.31 49.84
N VAL A 32 -5.71 3.77 48.69
CA VAL A 32 -6.39 2.68 48.03
C VAL A 32 -5.37 1.56 47.72
N PRO A 33 -4.94 0.86 48.76
CA PRO A 33 -3.87 -0.13 48.58
C PRO A 33 -4.19 -1.23 47.58
N ARG A 34 -5.41 -1.76 47.55
CA ARG A 34 -5.68 -2.85 46.60
C ARG A 34 -5.66 -2.35 45.16
N THR A 35 -6.19 -1.14 44.95
CA THR A 35 -6.30 -0.59 43.60
C THR A 35 -4.90 -0.19 43.11
N ALA A 36 -4.11 0.39 44.00
CA ALA A 36 -2.74 0.77 43.64
C ALA A 36 -1.91 -0.47 43.32
N GLU A 37 -2.07 -1.52 44.12
CA GLU A 37 -1.30 -2.75 43.90
C GLU A 37 -1.65 -3.40 42.56
N ASN A 38 -2.94 -3.43 42.22
CA ASN A 38 -3.35 -3.92 40.91
C ASN A 38 -2.61 -3.18 39.80
N PHE A 39 -2.67 -1.84 39.82
CA PHE A 39 -2.04 -1.05 38.76
C PHE A 39 -0.52 -1.27 38.74
N ARG A 40 0.10 -1.28 39.91
CA ARG A 40 1.54 -1.50 40.01
C ARG A 40 1.94 -2.83 39.38
N ALA A 41 1.24 -3.91 39.75
CA ALA A 41 1.58 -5.22 39.23
C ALA A 41 1.35 -5.32 37.72
N LEU A 42 0.34 -4.62 37.22
CA LEU A 42 0.09 -4.60 35.77
C LEU A 42 1.21 -3.83 35.05
N CYS A 43 1.82 -2.85 35.71
CA CYS A 43 2.96 -2.15 35.12
C CYS A 43 4.21 -3.04 35.04
N THR A 44 4.46 -3.83 36.07
CA THR A 44 5.65 -4.68 36.03
C THR A 44 5.45 -5.92 35.19
N GLY A 45 4.20 -6.37 35.04
CA GLY A 45 3.91 -7.61 34.34
C GLY A 45 4.17 -8.86 35.17
N GLU A 46 4.40 -8.69 36.47
CA GLU A 46 4.90 -9.78 37.29
C GLU A 46 3.93 -10.97 37.44
N LYS A 47 2.64 -10.77 37.19
CA LYS A 47 1.70 -11.89 37.25
C LYS A 47 1.60 -12.64 35.92
N GLY A 48 2.32 -12.16 34.90
CA GLY A 48 2.31 -12.81 33.59
C GLY A 48 1.44 -12.09 32.56
N PHE A 49 0.81 -11.00 32.98
CA PHE A 49 0.02 -10.16 32.10
C PHE A 49 0.12 -8.71 32.60
N GLY A 50 -0.18 -7.76 31.75
CA GLY A 50 -0.02 -6.37 32.14
C GLY A 50 -0.16 -5.41 30.99
N PHE A 51 0.25 -4.16 31.25
CA PHE A 51 0.01 -3.05 30.33
C PHE A 51 0.98 -3.01 29.13
N LYS A 52 2.11 -3.70 29.21
CA LYS A 52 3.05 -3.62 28.09
C LYS A 52 2.37 -4.04 26.77
N ASN A 53 2.56 -3.20 25.75
CA ASN A 53 1.97 -3.37 24.41
C ASN A 53 0.47 -3.10 24.31
N SER A 54 -0.16 -2.68 25.39
CA SER A 54 -1.56 -2.25 25.33
C SER A 54 -1.66 -0.84 24.75
N ILE A 55 -2.87 -0.42 24.42
CA ILE A 55 -3.05 0.85 23.75
C ILE A 55 -3.95 1.80 24.52
N PHE A 56 -3.90 3.08 24.15
CA PHE A 56 -4.91 4.04 24.58
C PHE A 56 -5.99 4.03 23.51
N HIS A 57 -7.08 3.33 23.80
CA HIS A 57 -8.09 3.05 22.78
C HIS A 57 -9.13 4.15 22.64
N ARG A 58 -9.22 5.02 23.62
CA ARG A 58 -10.25 6.05 23.64
C ARG A 58 -9.64 7.31 24.23
N VAL A 59 -9.64 8.38 23.47
CA VAL A 59 -9.06 9.64 23.91
C VAL A 59 -10.02 10.77 23.55
N ILE A 60 -10.50 11.47 24.57
CA ILE A 60 -11.48 12.53 24.40
C ILE A 60 -10.86 13.80 24.94
N PRO A 61 -10.49 14.72 24.05
CA PRO A 61 -9.82 15.94 24.51
C PRO A 61 -10.65 16.73 25.53
N ASP A 62 -9.97 17.34 26.47
CA ASP A 62 -10.61 18.00 27.62
C ASP A 62 -11.33 17.07 28.55
N PHE A 63 -11.14 15.75 28.40
CA PHE A 63 -11.80 14.83 29.32
C PHE A 63 -10.85 13.74 29.83
N VAL A 64 -10.60 12.71 29.01
CA VAL A 64 -9.75 11.60 29.43
C VAL A 64 -8.89 11.01 28.32
N CYS A 65 -7.78 10.41 28.73
CA CYS A 65 -7.07 9.38 27.94
C CYS A 65 -7.29 8.04 28.59
N GLN A 66 -7.91 7.10 27.88
CA GLN A 66 -8.33 5.84 28.46
C GLN A 66 -7.56 4.69 27.84
N GLY A 67 -7.06 3.80 28.69
CA GLY A 67 -6.40 2.61 28.21
C GLY A 67 -6.62 1.43 29.14
N GLY A 68 -5.74 0.45 29.07
CA GLY A 68 -5.78 -0.64 30.00
C GLY A 68 -6.61 -1.84 29.59
N ASP A 69 -7.08 -1.89 28.33
CA ASP A 69 -7.80 -3.09 27.92
C ASP A 69 -6.79 -4.11 27.46
N ILE A 70 -6.30 -4.89 28.41
CA ILE A 70 -5.23 -5.82 28.13
C ILE A 70 -5.71 -7.21 27.70
N THR A 71 -7.02 -7.41 27.57
CA THR A 71 -7.52 -8.72 27.11
C THR A 71 -8.19 -8.71 25.73
N LYS A 72 -8.72 -7.56 25.32
CA LYS A 72 -9.36 -7.45 24.00
C LYS A 72 -8.79 -6.32 23.16
N HIS A 73 -8.09 -5.39 23.80
CA HIS A 73 -7.42 -4.29 23.10
C HIS A 73 -8.36 -3.42 22.26
N ASP A 74 -9.60 -3.28 22.71
CA ASP A 74 -10.57 -2.46 22.00
C ASP A 74 -11.57 -1.75 22.89
N GLY A 75 -11.40 -1.84 24.20
CA GLY A 75 -12.32 -1.19 25.11
C GLY A 75 -13.36 -2.10 25.74
N THR A 76 -13.47 -3.34 25.27
CA THR A 76 -14.52 -4.23 25.76
C THR A 76 -14.01 -5.21 26.80
N GLY A 77 -12.70 -5.28 26.99
CA GLY A 77 -12.10 -6.26 27.89
C GLY A 77 -11.41 -5.67 29.10
N GLY A 78 -10.45 -6.40 29.65
CA GLY A 78 -9.76 -5.99 30.85
C GLY A 78 -9.73 -7.10 31.87
N GLN A 79 -8.72 -7.11 32.74
CA GLN A 79 -8.67 -8.07 33.84
C GLN A 79 -7.73 -7.56 34.93
N SER A 80 -8.11 -7.81 36.19
CA SER A 80 -7.29 -7.37 37.31
C SER A 80 -6.45 -8.53 37.82
N ILE A 81 -5.55 -8.25 38.76
CA ILE A 81 -4.76 -9.30 39.37
C ILE A 81 -5.62 -10.11 40.35
N TYR A 82 -6.84 -9.64 40.62
CA TYR A 82 -7.73 -10.32 41.56
C TYR A 82 -8.81 -11.14 40.86
N GLY A 83 -8.78 -11.17 39.54
CA GLY A 83 -9.84 -11.78 38.77
C GLY A 83 -10.46 -10.79 37.80
N ASP A 84 -11.59 -11.19 37.21
CA ASP A 84 -12.21 -10.38 36.17
C ASP A 84 -12.62 -9.02 36.69
N LYS A 85 -13.04 -8.95 37.95
CA LYS A 85 -13.49 -7.68 38.53
C LYS A 85 -13.10 -7.56 40.00
N PHE A 86 -13.01 -6.33 40.51
CA PHE A 86 -12.87 -6.14 41.94
C PHE A 86 -13.63 -4.90 42.42
N GLU A 87 -13.78 -4.81 43.73
CA GLU A 87 -14.62 -3.81 44.38
CA GLU A 87 -14.66 -3.80 44.31
C GLU A 87 -14.11 -2.38 44.26
N ASP A 88 -15.02 -1.41 44.33
CA ASP A 88 -14.65 -0.01 44.49
C ASP A 88 -14.13 0.15 45.93
N GLU A 89 -12.86 0.44 46.07
CA GLU A 89 -12.20 0.40 47.37
C GLU A 89 -12.67 1.52 48.28
N ASN A 90 -12.59 2.76 47.79
CA ASN A 90 -13.19 3.90 48.44
C ASN A 90 -13.20 5.06 47.45
N PHE A 91 -13.84 6.17 47.83
CA PHE A 91 -13.87 7.35 46.97
C PHE A 91 -13.21 8.54 47.68
N ASP A 92 -12.14 8.27 48.41
CA ASP A 92 -11.53 9.29 49.27
C ASP A 92 -10.87 10.42 48.47
N VAL A 93 -10.45 10.11 47.23
CA VAL A 93 -9.85 11.13 46.38
C VAL A 93 -10.80 11.51 45.25
N LYS A 94 -11.01 12.81 45.06
CA LYS A 94 -11.92 13.29 44.01
C LYS A 94 -11.20 13.64 42.70
N HIS A 95 -11.98 13.78 41.63
CA HIS A 95 -11.44 14.10 40.30
C HIS A 95 -11.35 15.63 40.19
N THR A 96 -10.30 16.18 40.80
CA THR A 96 -10.20 17.59 41.05
C THR A 96 -9.42 18.36 39.98
N GLY A 97 -8.74 17.64 39.09
CA GLY A 97 -7.99 18.30 38.04
C GLY A 97 -7.36 17.30 37.08
N PRO A 98 -6.53 17.80 36.16
CA PRO A 98 -5.82 16.95 35.20
C PRO A 98 -4.78 16.07 35.87
N GLY A 99 -4.39 14.98 35.20
CA GLY A 99 -3.26 14.17 35.65
C GLY A 99 -3.60 13.15 36.71
N LEU A 100 -4.88 12.97 37.00
CA LEU A 100 -5.29 11.95 37.95
C LEU A 100 -5.54 10.62 37.25
N LEU A 101 -5.18 9.54 37.93
CA LEU A 101 -5.45 8.19 37.48
CA LEU A 101 -5.45 8.19 37.48
C LEU A 101 -6.72 7.68 38.14
N SER A 102 -7.66 7.21 37.32
CA SER A 102 -8.95 6.78 37.80
C SER A 102 -9.37 5.48 37.10
N MET A 103 -9.97 4.56 37.83
CA MET A 103 -10.36 3.28 37.26
C MET A 103 -11.61 3.45 36.39
N ALA A 104 -11.54 2.87 35.19
CA ALA A 104 -12.70 2.79 34.34
C ALA A 104 -13.61 1.68 34.86
N ASN A 105 -14.91 1.79 34.67
CA ASN A 105 -15.81 0.72 35.05
C ASN A 105 -17.11 0.79 34.28
N GLN A 106 -17.91 -0.27 34.43
CA GLN A 106 -19.21 -0.38 33.81
C GLN A 106 -20.26 -0.55 34.89
N GLY A 107 -20.10 0.15 36.00
CA GLY A 107 -21.02 -0.03 37.12
C GLY A 107 -20.27 -0.31 38.40
N GLN A 108 -21.01 -0.38 39.51
CA GLN A 108 -20.38 -0.53 40.81
C GLN A 108 -19.62 -1.85 40.90
N ASN A 109 -18.42 -1.80 41.47
CA ASN A 109 -17.60 -2.98 41.72
C ASN A 109 -17.30 -3.79 40.48
N THR A 110 -16.89 -3.10 39.43
CA THR A 110 -16.52 -3.77 38.16
C THR A 110 -15.16 -3.31 37.67
N ASN A 111 -14.30 -2.90 38.61
CA ASN A 111 -12.91 -2.54 38.26
C ASN A 111 -12.15 -3.72 37.71
N ASN A 112 -11.31 -3.47 36.71
CA ASN A 112 -10.46 -4.52 36.19
C ASN A 112 -9.06 -3.97 35.92
N SER A 113 -8.70 -3.74 34.67
CA SER A 113 -7.43 -3.09 34.35
C SER A 113 -7.60 -1.77 33.61
N GLN A 114 -8.79 -1.48 33.10
CA GLN A 114 -8.97 -0.24 32.35
C GLN A 114 -8.90 0.98 33.27
N PHE A 115 -8.29 2.05 32.77
CA PHE A 115 -8.06 3.23 33.58
C PHE A 115 -8.13 4.45 32.69
N VAL A 116 -8.28 5.61 33.31
CA VAL A 116 -8.14 6.85 32.58
C VAL A 116 -7.07 7.71 33.24
N ILE A 117 -6.46 8.56 32.43
CA ILE A 117 -5.74 9.72 32.94
C ILE A 117 -6.60 10.92 32.64
N THR A 118 -6.96 11.70 33.66
CA THR A 118 -7.82 12.84 33.43
C THR A 118 -7.09 14.00 32.75
N LEU A 119 -7.85 14.78 31.98
CA LEU A 119 -7.33 15.98 31.33
C LEU A 119 -7.93 17.24 31.93
N LYS A 120 -8.95 17.05 32.77
CA LYS A 120 -9.67 18.15 33.43
C LYS A 120 -10.34 17.63 34.67
N LYS A 121 -10.74 18.55 35.54
CA LYS A 121 -11.61 18.26 36.66
C LYS A 121 -12.84 17.50 36.14
N ALA A 122 -13.34 16.55 36.91
CA ALA A 122 -14.50 15.77 36.50
C ALA A 122 -15.40 15.36 37.68
N GLU A 123 -16.11 16.34 38.23
CA GLU A 123 -16.91 16.10 39.43
C GLU A 123 -17.92 14.97 39.22
N HIS A 124 -18.43 14.82 38.00
CA HIS A 124 -19.44 13.81 37.73
C HIS A 124 -18.92 12.38 37.92
N LEU A 125 -17.61 12.20 37.94
CA LEU A 125 -17.02 10.88 38.16
C LEU A 125 -16.82 10.57 39.64
N ASP A 126 -16.96 11.59 40.49
CA ASP A 126 -16.77 11.39 41.93
C ASP A 126 -17.83 10.42 42.47
N PHE A 127 -17.42 9.50 43.34
CA PHE A 127 -18.29 8.46 43.92
C PHE A 127 -18.75 7.42 42.91
N LYS A 128 -18.14 7.45 41.73
N LYS A 128 -18.10 7.43 41.76
CA LYS A 128 -18.46 6.49 40.68
CA LYS A 128 -18.46 6.55 40.66
C LYS A 128 -17.19 5.77 40.25
C LYS A 128 -17.21 5.80 40.22
N HIS A 129 -16.11 6.52 40.07
CA HIS A 129 -14.80 5.94 39.71
C HIS A 129 -13.78 6.18 40.82
N VAL A 130 -12.97 5.16 41.09
CA VAL A 130 -11.96 5.25 42.14
C VAL A 130 -10.67 5.89 41.62
N VAL A 131 -10.28 7.02 42.21
CA VAL A 131 -8.99 7.66 41.90
C VAL A 131 -7.88 7.01 42.73
N PHE A 132 -6.76 6.67 42.10
CA PHE A 132 -5.74 5.88 42.77
C PHE A 132 -4.30 6.34 42.53
N GLY A 133 -4.12 7.47 41.85
CA GLY A 133 -2.77 7.97 41.63
C GLY A 133 -2.77 9.26 40.82
N PHE A 134 -1.57 9.76 40.51
CA PHE A 134 -1.44 10.98 39.73
C PHE A 134 -0.13 10.99 38.95
N VAL A 135 -0.13 11.79 37.89
CA VAL A 135 1.05 11.96 37.05
C VAL A 135 2.03 12.91 37.73
N LYS A 136 3.21 12.40 38.10
CA LYS A 136 4.18 13.25 38.79
C LYS A 136 5.16 13.88 37.82
N ASP A 137 5.32 13.27 36.65
CA ASP A 137 6.17 13.83 35.59
C ASP A 137 5.67 13.29 34.26
N GLY A 138 5.87 14.05 33.20
CA GLY A 138 5.45 13.59 31.89
C GLY A 138 4.02 13.96 31.49
N MET A 139 3.44 14.96 32.16
CA MET A 139 2.14 15.44 31.69
C MET A 139 2.22 15.91 30.23
N ASP A 140 3.40 16.34 29.77
CA ASP A 140 3.57 16.73 28.38
CA ASP A 140 3.57 16.73 28.38
C ASP A 140 3.27 15.57 27.44
N THR A 141 3.65 14.36 27.85
CA THR A 141 3.36 13.16 27.07
C THR A 141 1.84 12.92 27.04
N VAL A 142 1.18 13.11 28.18
CA VAL A 142 -0.27 12.99 28.23
C VAL A 142 -0.93 14.00 27.26
N LYS A 143 -0.45 15.22 27.22
CA LYS A 143 -1.06 16.19 26.30
C LYS A 143 -0.79 15.82 24.83
N LYS A 144 0.32 15.15 24.56
CA LYS A 144 0.55 14.61 23.19
C LYS A 144 -0.48 13.53 22.85
N ILE A 145 -0.76 12.63 23.80
CA ILE A 145 -1.77 11.61 23.58
C ILE A 145 -3.10 12.30 23.26
N GLU A 146 -3.47 13.30 24.05
CA GLU A 146 -4.72 14.03 23.86
C GLU A 146 -4.83 14.58 22.44
N SER A 147 -3.71 14.98 21.88
CA SER A 147 -3.71 15.63 20.57
C SER A 147 -4.18 14.70 19.45
N PHE A 148 -4.17 13.39 19.70
CA PHE A 148 -4.59 12.41 18.68
C PHE A 148 -6.04 11.95 18.87
N GLY A 149 -6.72 12.48 19.88
CA GLY A 149 -8.10 12.08 20.15
C GLY A 149 -9.12 12.89 19.37
N SER A 150 -10.39 12.68 19.71
CA SER A 150 -11.49 13.33 19.00
C SER A 150 -12.71 13.35 19.93
N PRO A 151 -13.71 14.16 19.57
CA PRO A 151 -14.85 14.33 20.48
C PRO A 151 -15.53 13.02 20.86
N LYS A 152 -15.64 12.05 19.94
CA LYS A 152 -16.26 10.77 20.24
C LYS A 152 -15.26 9.73 20.72
N GLY A 153 -13.99 10.09 20.79
CA GLY A 153 -13.00 9.26 21.44
C GLY A 153 -12.09 8.45 20.51
N SER A 154 -12.41 8.38 19.23
CA SER A 154 -11.55 7.61 18.34
C SER A 154 -10.20 8.34 18.18
N VAL A 155 -9.14 7.57 17.96
CA VAL A 155 -7.80 8.13 17.81
C VAL A 155 -7.29 7.97 16.38
N CYS A 156 -6.52 8.92 15.89
CA CYS A 156 -6.08 8.88 14.50
C CYS A 156 -4.73 8.17 14.30
N ARG A 157 -4.11 7.76 15.40
CA ARG A 157 -2.89 6.96 15.38
C ARG A 157 -3.05 5.93 16.46
N ARG A 158 -2.39 4.80 16.33
CA ARG A 158 -2.37 3.78 17.37
CA ARG A 158 -2.40 3.81 17.39
C ARG A 158 -1.39 4.21 18.47
N ILE A 159 -1.88 4.34 19.69
CA ILE A 159 -1.09 4.85 20.79
C ILE A 159 -0.78 3.71 21.75
N THR A 160 0.49 3.33 21.81
CA THR A 160 0.91 2.12 22.51
CA THR A 160 0.89 2.13 22.53
C THR A 160 1.80 2.41 23.70
N ILE A 161 1.64 1.59 24.74
CA ILE A 161 2.58 1.58 25.85
C ILE A 161 3.68 0.59 25.46
N THR A 162 4.81 1.12 25.00
CA THR A 162 5.85 0.26 24.44
CA THR A 162 5.87 0.29 24.43
C THR A 162 6.71 -0.36 25.53
N GLU A 163 6.76 0.31 26.67
CA GLU A 163 7.46 -0.22 27.85
C GLU A 163 6.80 0.35 29.09
N CYS A 164 6.86 -0.40 30.17
CA CYS A 164 6.32 0.10 31.43
C CYS A 164 6.94 -0.68 32.58
N GLY A 165 6.81 -0.15 33.79
CA GLY A 165 7.45 -0.80 34.91
C GLY A 165 7.36 0.04 36.17
N GLN A 166 8.09 -0.40 37.18
CA GLN A 166 8.14 0.28 38.46
C GLN A 166 9.52 0.90 38.63
N ILE A 167 9.56 2.14 39.11
CA ILE A 167 10.79 2.87 39.37
C ILE A 167 11.31 2.48 40.75
N GLY B 1 -10.65 -17.16 8.18
CA GLY B 1 -9.29 -17.53 7.65
C GLY B 1 -9.44 -18.20 6.29
N PRO B 2 -8.42 -18.95 5.87
CA PRO B 2 -8.60 -19.66 4.59
C PRO B 2 -9.87 -20.54 4.61
N HIS B 3 -10.56 -20.63 3.48
CA HIS B 3 -11.83 -21.36 3.45
C HIS B 3 -12.29 -21.64 2.02
N MET B 4 -12.93 -22.79 1.83
N MET B 4 -12.92 -22.79 1.84
CA MET B 4 -13.36 -23.24 0.51
CA MET B 4 -13.35 -23.24 0.51
C MET B 4 -14.36 -22.27 -0.12
C MET B 4 -14.37 -22.30 -0.11
N THR B 5 -15.12 -21.56 0.71
CA THR B 5 -16.15 -20.65 0.22
C THR B 5 -15.60 -19.30 -0.26
N ASN B 6 -14.35 -19.02 0.06
CA ASN B 6 -13.77 -17.73 -0.31
C ASN B 6 -13.51 -17.70 -1.83
N PRO B 7 -13.71 -16.52 -2.45
CA PRO B 7 -13.45 -16.44 -3.88
C PRO B 7 -11.95 -16.59 -4.19
N VAL B 8 -11.68 -17.09 -5.39
CA VAL B 8 -10.33 -17.27 -5.87
C VAL B 8 -10.22 -16.52 -7.20
N VAL B 9 -9.17 -15.70 -7.31
CA VAL B 9 -8.93 -14.90 -8.50
C VAL B 9 -7.50 -15.12 -9.00
N PHE B 10 -7.20 -14.64 -10.20
CA PHE B 10 -5.86 -14.82 -10.74
C PHE B 10 -5.41 -13.63 -11.57
N PHE B 11 -4.10 -13.47 -11.65
CA PHE B 11 -3.43 -12.55 -12.58
C PHE B 11 -2.49 -13.37 -13.45
N ASP B 12 -2.53 -13.16 -14.75
CA ASP B 12 -1.47 -13.62 -15.64
C ASP B 12 -0.57 -12.42 -15.88
N VAL B 13 0.72 -12.60 -15.60
CA VAL B 13 1.64 -11.48 -15.56
C VAL B 13 2.74 -11.64 -16.60
N CYS B 14 3.15 -10.52 -17.18
CA CYS B 14 4.25 -10.54 -18.13
CA CYS B 14 4.21 -10.49 -18.18
C CYS B 14 5.20 -9.37 -17.88
N ALA B 15 6.45 -9.54 -18.31
CA ALA B 15 7.43 -8.48 -18.18
C ALA B 15 7.82 -8.12 -19.60
N ASP B 16 7.35 -6.99 -20.10
N ASP B 16 7.33 -6.97 -20.05
CA ASP B 16 7.67 -6.56 -21.48
CA ASP B 16 7.37 -6.62 -21.46
C ASP B 16 7.57 -7.66 -22.53
C ASP B 16 6.74 -7.76 -22.24
N GLY B 17 6.51 -8.47 -22.48
N GLY B 17 7.49 -8.40 -23.14
CA GLY B 17 6.29 -9.49 -23.50
CA GLY B 17 6.93 -9.49 -23.91
C GLY B 17 6.75 -10.88 -23.08
C GLY B 17 7.23 -10.86 -23.35
N GLU B 18 7.61 -10.95 -22.08
CA GLU B 18 8.04 -12.23 -21.51
C GLU B 18 7.01 -12.70 -20.52
N PRO B 19 6.43 -13.89 -20.74
CA PRO B 19 5.48 -14.41 -19.74
C PRO B 19 6.16 -14.72 -18.41
N LEU B 20 5.54 -14.31 -17.29
CA LEU B 20 6.05 -14.67 -15.96
C LEU B 20 5.22 -15.73 -15.26
N GLY B 21 4.00 -15.97 -15.74
CA GLY B 21 3.16 -17.01 -15.16
C GLY B 21 1.94 -16.45 -14.42
N ARG B 22 1.21 -17.34 -13.75
CA ARG B 22 -0.05 -16.99 -13.10
C ARG B 22 0.09 -16.92 -11.59
N ILE B 23 -0.51 -15.89 -11.01
CA ILE B 23 -0.62 -15.75 -9.56
C ILE B 23 -2.07 -16.06 -9.23
N THR B 24 -2.29 -17.00 -8.31
CA THR B 24 -3.65 -17.35 -7.88
C THR B 24 -3.82 -16.92 -6.44
N MET B 25 -4.93 -16.22 -6.15
CA MET B 25 -5.14 -15.58 -4.86
C MET B 25 -6.50 -15.95 -4.29
N GLU B 26 -6.52 -16.26 -3.00
CA GLU B 26 -7.76 -16.44 -2.25
C GLU B 26 -8.06 -15.15 -1.51
N LEU B 27 -9.31 -14.69 -1.57
CA LEU B 27 -9.72 -13.45 -0.92
C LEU B 27 -10.55 -13.76 0.32
N PHE B 28 -10.26 -13.07 1.42
CA PHE B 28 -10.92 -13.35 2.68
C PHE B 28 -12.33 -12.71 2.76
N SER B 29 -13.28 -13.19 1.94
CA SER B 29 -14.65 -12.69 2.02
C SER B 29 -15.27 -12.92 3.39
N ASN B 30 -14.78 -13.96 4.08
CA ASN B 30 -15.29 -14.28 5.41
C ASN B 30 -14.75 -13.35 6.51
N ILE B 31 -13.81 -12.48 6.17
CA ILE B 31 -13.23 -11.54 7.16
C ILE B 31 -13.52 -10.10 6.76
N VAL B 32 -13.24 -9.79 5.49
CA VAL B 32 -13.38 -8.43 4.94
C VAL B 32 -14.20 -8.50 3.64
N PRO B 33 -15.51 -8.71 3.78
CA PRO B 33 -16.30 -8.95 2.57
C PRO B 33 -16.35 -7.78 1.59
N ARG B 34 -16.43 -6.54 2.06
CA ARG B 34 -16.47 -5.40 1.13
C ARG B 34 -15.15 -5.25 0.36
N THR B 35 -14.05 -5.44 1.07
CA THR B 35 -12.72 -5.26 0.48
C THR B 35 -12.43 -6.40 -0.49
N ALA B 36 -12.80 -7.61 -0.10
CA ALA B 36 -12.65 -8.76 -1.00
C ALA B 36 -13.49 -8.59 -2.25
N GLU B 37 -14.72 -8.09 -2.10
CA GLU B 37 -15.60 -7.93 -3.27
C GLU B 37 -15.07 -6.88 -4.25
N ASN B 38 -14.51 -5.80 -3.73
CA ASN B 38 -13.89 -4.78 -4.58
C ASN B 38 -12.81 -5.42 -5.45
N PHE B 39 -11.88 -6.14 -4.81
CA PHE B 39 -10.78 -6.76 -5.54
C PHE B 39 -11.29 -7.81 -6.54
N ARG B 40 -12.25 -8.64 -6.11
CA ARG B 40 -12.83 -9.65 -6.98
C ARG B 40 -13.40 -9.03 -8.25
N ALA B 41 -14.20 -7.98 -8.08
CA ALA B 41 -14.87 -7.33 -9.21
C ALA B 41 -13.87 -6.62 -10.14
N LEU B 42 -12.80 -6.09 -9.56
CA LEU B 42 -11.73 -5.49 -10.37
C LEU B 42 -10.99 -6.58 -11.18
N CYS B 43 -10.93 -7.79 -10.65
CA CYS B 43 -10.32 -8.89 -11.43
C CYS B 43 -11.22 -9.30 -12.58
N THR B 44 -12.53 -9.34 -12.37
CA THR B 44 -13.41 -9.76 -13.46
C THR B 44 -13.65 -8.65 -14.47
N GLY B 45 -13.57 -7.40 -14.04
CA GLY B 45 -13.89 -6.26 -14.89
C GLY B 45 -15.39 -6.00 -15.06
N GLU B 46 -16.20 -6.64 -14.22
CA GLU B 46 -17.64 -6.64 -14.45
C GLU B 46 -18.34 -5.30 -14.23
N LYS B 47 -17.68 -4.35 -13.58
CA LYS B 47 -18.26 -3.02 -13.42
C LYS B 47 -17.87 -2.10 -14.57
N GLY B 48 -17.06 -2.62 -15.49
CA GLY B 48 -16.65 -1.84 -16.66
C GLY B 48 -15.24 -1.30 -16.58
N PHE B 49 -14.56 -1.57 -15.46
CA PHE B 49 -13.17 -1.20 -15.28
C PHE B 49 -12.53 -2.24 -14.37
N GLY B 50 -11.20 -2.26 -14.33
CA GLY B 50 -10.52 -3.30 -13.59
C GLY B 50 -9.03 -3.38 -13.81
N PHE B 51 -8.43 -4.46 -13.32
CA PHE B 51 -6.97 -4.61 -13.29
C PHE B 51 -6.38 -4.99 -14.65
N LYS B 52 -7.19 -5.48 -15.57
CA LYS B 52 -6.60 -5.92 -16.85
C LYS B 52 -5.82 -4.77 -17.51
N ASN B 53 -4.61 -5.08 -17.93
CA ASN B 53 -3.69 -4.14 -18.58
C ASN B 53 -3.07 -3.10 -17.65
N SER B 54 -3.29 -3.23 -16.35
CA SER B 54 -2.60 -2.38 -15.37
C SER B 54 -1.25 -3.00 -15.04
N ILE B 55 -0.39 -2.27 -14.32
CA ILE B 55 0.98 -2.71 -14.09
C ILE B 55 1.34 -2.71 -12.62
N PHE B 56 2.44 -3.38 -12.31
CA PHE B 56 3.07 -3.23 -11.01
C PHE B 56 4.09 -2.11 -11.13
N HIS B 57 3.71 -0.94 -10.64
CA HIS B 57 4.47 0.29 -10.86
C HIS B 57 5.54 0.55 -9.79
N ARG B 58 5.45 -0.16 -8.67
CA ARG B 58 6.41 0.01 -7.57
C ARG B 58 6.75 -1.36 -7.00
N VAL B 59 8.02 -1.73 -7.10
CA VAL B 59 8.46 -3.05 -6.65
C VAL B 59 9.73 -2.87 -5.86
N ILE B 60 9.67 -3.18 -4.58
CA ILE B 60 10.81 -3.05 -3.69
C ILE B 60 11.18 -4.42 -3.16
N PRO B 61 12.30 -4.97 -3.62
CA PRO B 61 12.67 -6.33 -3.23
C PRO B 61 12.73 -6.49 -1.73
N ASP B 62 12.25 -7.65 -1.29
CA ASP B 62 12.15 -8.00 0.12
CA ASP B 62 12.18 -7.98 0.12
C ASP B 62 11.17 -7.12 0.89
N PHE B 63 10.31 -6.40 0.18
CA PHE B 63 9.30 -5.59 0.87
C PHE B 63 7.89 -5.70 0.25
N VAL B 64 7.66 -5.09 -0.90
CA VAL B 64 6.34 -5.14 -1.54
C VAL B 64 6.39 -5.12 -3.07
N CYS B 65 5.36 -5.71 -3.68
CA CYS B 65 5.02 -5.47 -5.10
C CYS B 65 3.70 -4.74 -5.14
N GLN B 66 3.71 -3.51 -5.64
CA GLN B 66 2.53 -2.68 -5.63
C GLN B 66 1.96 -2.43 -7.03
N GLY B 67 0.64 -2.59 -7.15
CA GLY B 67 -0.07 -2.39 -8.39
C GLY B 67 -1.44 -1.76 -8.16
N GLY B 68 -2.31 -1.84 -9.17
CA GLY B 68 -3.70 -1.46 -9.03
C GLY B 68 -4.04 -0.02 -9.37
N ASP B 69 -3.08 0.75 -9.87
CA ASP B 69 -3.40 2.09 -10.35
C ASP B 69 -3.99 1.98 -11.75
N ILE B 70 -5.30 1.80 -11.80
CA ILE B 70 -5.99 1.54 -13.06
C ILE B 70 -6.49 2.81 -13.77
N THR B 71 -6.20 3.98 -13.21
CA THR B 71 -6.58 5.21 -13.87
C THR B 71 -5.39 6.01 -14.39
N LYS B 72 -4.24 5.95 -13.69
CA LYS B 72 -3.03 6.70 -14.08
C LYS B 72 -1.72 5.86 -14.11
N HIS B 73 -1.80 4.59 -13.74
CA HIS B 73 -0.63 3.70 -13.83
C HIS B 73 0.67 4.15 -13.11
N ASP B 74 0.57 5.02 -12.09
CA ASP B 74 1.78 5.51 -11.44
CA ASP B 74 1.77 5.57 -11.47
C ASP B 74 1.72 5.62 -9.94
N GLY B 75 0.60 5.25 -9.35
CA GLY B 75 0.53 5.31 -7.91
C GLY B 75 -0.27 6.49 -7.50
N THR B 76 -0.53 7.41 -8.41
CA THR B 76 -1.33 8.55 -8.02
C THR B 76 -2.82 8.33 -8.26
N GLY B 77 -3.18 7.30 -9.02
CA GLY B 77 -4.58 7.09 -9.38
C GLY B 77 -5.22 5.90 -8.66
N GLY B 78 -6.26 5.35 -9.27
CA GLY B 78 -6.98 4.22 -8.72
C GLY B 78 -8.43 4.59 -8.48
N GLN B 79 -9.30 3.59 -8.49
CA GLN B 79 -10.70 3.82 -8.14
C GLN B 79 -11.34 2.50 -7.75
N SER B 80 -12.25 2.53 -6.78
CA SER B 80 -12.89 1.33 -6.29
C SER B 80 -14.23 1.15 -6.96
N ILE B 81 -14.85 0.00 -6.74
CA ILE B 81 -16.20 -0.22 -7.26
C ILE B 81 -17.23 0.56 -6.46
N TYR B 82 -16.81 1.18 -5.34
CA TYR B 82 -17.73 1.93 -4.49
C TYR B 82 -17.62 3.43 -4.69
N GLY B 83 -16.80 3.86 -5.65
CA GLY B 83 -16.49 5.27 -5.81
C GLY B 83 -15.00 5.53 -5.65
N ASP B 84 -14.61 6.79 -5.49
CA ASP B 84 -13.21 7.13 -5.45
C ASP B 84 -12.49 6.50 -4.26
N LYS B 85 -13.18 6.35 -3.12
CA LYS B 85 -12.54 5.79 -1.94
C LYS B 85 -13.54 5.02 -1.11
N PHE B 86 -13.06 4.08 -0.30
CA PHE B 86 -13.93 3.42 0.66
C PHE B 86 -13.22 3.17 2.00
N GLU B 87 -14.00 2.87 3.03
CA GLU B 87 -13.50 2.83 4.41
CA GLU B 87 -13.49 2.84 4.40
C GLU B 87 -12.65 1.60 4.69
N ASP B 88 -11.76 1.73 5.66
CA ASP B 88 -11.01 0.61 6.20
C ASP B 88 -11.99 -0.33 6.90
N GLU B 89 -12.12 -1.54 6.40
CA GLU B 89 -13.19 -2.43 6.86
C GLU B 89 -12.89 -3.00 8.28
N ASN B 90 -11.73 -3.63 8.43
CA ASN B 90 -11.19 -3.99 9.73
C ASN B 90 -9.71 -4.35 9.57
N PHE B 91 -9.04 -4.57 10.69
CA PHE B 91 -7.62 -4.92 10.66
C PHE B 91 -7.39 -6.28 11.31
N ASP B 92 -8.33 -7.19 11.10
CA ASP B 92 -8.28 -8.48 11.78
C ASP B 92 -7.11 -9.35 11.33
N VAL B 93 -6.64 -9.16 10.11
CA VAL B 93 -5.50 -9.94 9.61
C VAL B 93 -4.25 -9.08 9.57
N LYS B 94 -3.17 -9.60 10.17
CA LYS B 94 -1.89 -8.87 10.23
CA LYS B 94 -1.90 -8.86 10.21
C LYS B 94 -0.97 -9.21 9.06
N HIS B 95 0.03 -8.37 8.85
CA HIS B 95 1.01 -8.54 7.79
C HIS B 95 2.10 -9.46 8.33
N THR B 96 1.81 -10.76 8.35
CA THR B 96 2.65 -11.72 9.07
C THR B 96 3.72 -12.38 8.22
N GLY B 97 3.64 -12.21 6.89
CA GLY B 97 4.62 -12.85 6.03
C GLY B 97 4.42 -12.50 4.58
N PRO B 98 5.24 -13.11 3.70
CA PRO B 98 5.08 -12.84 2.26
C PRO B 98 3.78 -13.40 1.71
N GLY B 99 3.36 -12.87 0.57
CA GLY B 99 2.24 -13.41 -0.17
C GLY B 99 0.88 -12.92 0.29
N LEU B 100 0.84 -11.93 1.18
CA LEU B 100 -0.44 -11.39 1.63
C LEU B 100 -0.83 -10.21 0.75
N LEU B 101 -2.14 -10.08 0.52
CA LEU B 101 -2.68 -8.95 -0.24
C LEU B 101 -3.16 -7.86 0.73
N SER B 102 -2.69 -6.65 0.51
CA SER B 102 -2.93 -5.55 1.43
C SER B 102 -3.26 -4.28 0.65
N MET B 103 -4.27 -3.55 1.10
CA MET B 103 -4.71 -2.34 0.40
C MET B 103 -3.72 -1.21 0.60
N ALA B 104 -3.34 -0.58 -0.50
CA ALA B 104 -2.54 0.63 -0.43
C ALA B 104 -3.47 1.79 -0.05
N ASN B 105 -2.94 2.79 0.63
CA ASN B 105 -3.77 3.94 0.95
C ASN B 105 -2.93 5.15 1.25
N GLN B 106 -3.60 6.30 1.37
CA GLN B 106 -2.94 7.55 1.72
C GLN B 106 -3.49 8.09 3.03
N GLY B 107 -3.75 7.20 3.98
CA GLY B 107 -4.34 7.61 5.24
C GLY B 107 -5.63 6.88 5.50
N GLN B 108 -6.27 7.16 6.62
CA GLN B 108 -7.49 6.45 6.99
C GLN B 108 -8.59 6.57 5.94
N ASN B 109 -9.20 5.43 5.63
CA ASN B 109 -10.41 5.37 4.81
C ASN B 109 -10.19 5.99 3.43
N THR B 110 -9.10 5.59 2.79
CA THR B 110 -8.79 6.05 1.44
C THR B 110 -8.47 4.89 0.50
N ASN B 111 -9.06 3.74 0.77
CA ASN B 111 -8.87 2.59 -0.13
C ASN B 111 -9.49 2.85 -1.48
N ASN B 112 -8.82 2.39 -2.54
CA ASN B 112 -9.39 2.48 -3.88
C ASN B 112 -9.15 1.15 -4.62
N SER B 113 -8.25 1.14 -5.60
CA SER B 113 -7.91 -0.11 -6.27
C SER B 113 -6.47 -0.55 -6.03
N GLN B 114 -5.62 0.34 -5.52
CA GLN B 114 -4.21 0.01 -5.37
C GLN B 114 -4.00 -0.98 -4.23
N PHE B 115 -3.05 -1.87 -4.42
CA PHE B 115 -2.82 -2.95 -3.46
C PHE B 115 -1.35 -3.33 -3.51
N VAL B 116 -0.90 -4.08 -2.49
CA VAL B 116 0.42 -4.69 -2.56
C VAL B 116 0.30 -6.18 -2.35
N ILE B 117 1.28 -6.88 -2.90
CA ILE B 117 1.58 -8.24 -2.47
C ILE B 117 2.83 -8.12 -1.61
N THR B 118 2.73 -8.55 -0.36
CA THR B 118 3.86 -8.45 0.53
C THR B 118 4.95 -9.47 0.15
N LEU B 119 6.19 -9.11 0.43
CA LEU B 119 7.34 -9.99 0.23
C LEU B 119 8.00 -10.38 1.55
N LYS B 120 7.50 -9.83 2.65
CA LYS B 120 7.97 -10.21 3.98
C LYS B 120 6.98 -9.69 5.03
N LYS B 121 7.16 -10.15 6.26
CA LYS B 121 6.43 -9.64 7.41
C LYS B 121 6.63 -8.12 7.50
N ALA B 122 5.56 -7.38 7.76
CA ALA B 122 5.64 -5.93 7.81
C ALA B 122 4.75 -5.37 8.91
N GLU B 123 5.18 -5.53 10.15
CA GLU B 123 4.32 -5.14 11.27
C GLU B 123 3.94 -3.65 11.24
N HIS B 124 4.78 -2.81 10.63
CA HIS B 124 4.49 -1.37 10.62
C HIS B 124 3.26 -1.02 9.77
N LEU B 125 2.81 -1.96 8.93
CA LEU B 125 1.58 -1.78 8.16
C LEU B 125 0.31 -2.20 8.92
N ASP B 126 0.47 -2.99 9.99
CA ASP B 126 -0.69 -3.44 10.77
C ASP B 126 -1.49 -2.26 11.32
N PHE B 127 -2.82 -2.40 11.36
CA PHE B 127 -3.72 -1.36 11.85
C PHE B 127 -3.78 -0.12 10.98
N LYS B 128 -3.08 -0.14 9.84
CA LYS B 128 -3.12 0.97 8.89
C LYS B 128 -3.58 0.54 7.50
N HIS B 129 -3.23 -0.68 7.11
CA HIS B 129 -3.58 -1.21 5.79
C HIS B 129 -4.35 -2.51 6.00
N VAL B 130 -5.45 -2.62 5.27
CA VAL B 130 -6.34 -3.78 5.37
C VAL B 130 -5.80 -4.96 4.56
N VAL B 131 -5.54 -6.07 5.24
CA VAL B 131 -5.16 -7.33 4.57
C VAL B 131 -6.42 -8.12 4.21
N PHE B 132 -6.51 -8.57 2.94
CA PHE B 132 -7.75 -9.10 2.43
C PHE B 132 -7.63 -10.38 1.61
N GLY B 133 -6.43 -10.95 1.53
CA GLY B 133 -6.27 -12.21 0.85
C GLY B 133 -4.82 -12.65 0.85
N PHE B 134 -4.56 -13.75 0.15
CA PHE B 134 -3.22 -14.29 0.07
C PHE B 134 -2.99 -15.05 -1.22
N VAL B 135 -1.72 -15.17 -1.59
CA VAL B 135 -1.33 -15.92 -2.78
C VAL B 135 -1.34 -17.42 -2.47
N LYS B 136 -2.21 -18.16 -3.15
CA LYS B 136 -2.28 -19.59 -2.86
C LYS B 136 -1.43 -20.41 -3.83
N ASP B 137 -1.14 -19.86 -4.99
CA ASP B 137 -0.21 -20.50 -5.93
C ASP B 137 0.40 -19.41 -6.78
N GLY B 138 1.62 -19.64 -7.25
CA GLY B 138 2.29 -18.65 -8.08
C GLY B 138 3.19 -17.66 -7.37
N MET B 139 3.60 -17.97 -6.14
CA MET B 139 4.58 -17.12 -5.48
C MET B 139 5.88 -17.08 -6.29
N ASP B 140 6.14 -18.12 -7.09
CA ASP B 140 7.29 -18.11 -7.99
CA ASP B 140 7.29 -18.12 -8.00
C ASP B 140 7.18 -16.97 -9.01
N THR B 141 5.97 -16.69 -9.46
CA THR B 141 5.75 -15.56 -10.36
C THR B 141 6.00 -14.24 -9.62
N VAL B 142 5.57 -14.16 -8.37
CA VAL B 142 5.81 -12.96 -7.57
C VAL B 142 7.32 -12.71 -7.41
N LYS B 143 8.07 -13.78 -7.19
CA LYS B 143 9.53 -13.64 -7.06
C LYS B 143 10.16 -13.17 -8.37
N LYS B 144 9.56 -13.54 -9.50
CA LYS B 144 10.03 -13.02 -10.79
C LYS B 144 9.78 -11.52 -10.88
N ILE B 145 8.62 -11.07 -10.45
CA ILE B 145 8.31 -9.64 -10.46
C ILE B 145 9.33 -8.91 -9.60
N GLU B 146 9.56 -9.45 -8.41
CA GLU B 146 10.51 -8.89 -7.46
C GLU B 146 11.88 -8.67 -8.10
N SER B 147 12.27 -9.58 -8.99
CA SER B 147 13.60 -9.51 -9.58
C SER B 147 13.79 -8.26 -10.45
N PHE B 148 12.70 -7.61 -10.85
CA PHE B 148 12.82 -6.42 -11.69
C PHE B 148 12.71 -5.11 -10.90
N GLY B 149 12.58 -5.19 -9.59
CA GLY B 149 12.46 -4.00 -8.77
C GLY B 149 13.79 -3.47 -8.25
N SER B 150 13.71 -2.48 -7.37
CA SER B 150 14.91 -1.83 -6.85
C SER B 150 14.56 -1.21 -5.50
N PRO B 151 15.58 -0.88 -4.69
CA PRO B 151 15.28 -0.32 -3.38
C PRO B 151 14.42 0.93 -3.41
N LYS B 152 14.54 1.74 -4.46
CA LYS B 152 13.72 2.95 -4.55
C LYS B 152 12.34 2.64 -5.13
N GLY B 153 12.15 1.43 -5.64
CA GLY B 153 10.84 1.01 -6.11
C GLY B 153 10.64 1.04 -7.62
N SER B 154 11.57 1.65 -8.36
CA SER B 154 11.47 1.69 -9.82
CA SER B 154 11.48 1.69 -9.81
C SER B 154 11.67 0.29 -10.38
N VAL B 155 10.98 0.02 -11.48
CA VAL B 155 11.06 -1.30 -12.10
CA VAL B 155 11.02 -1.30 -12.11
C VAL B 155 11.72 -1.14 -13.45
N CYS B 156 12.54 -2.11 -13.84
CA CYS B 156 13.32 -1.96 -15.07
C CYS B 156 12.63 -2.55 -16.30
N ARG B 157 11.44 -3.13 -16.10
CA ARG B 157 10.63 -3.66 -17.19
C ARG B 157 9.19 -3.28 -16.88
N ARG B 158 8.33 -3.27 -17.88
CA ARG B 158 6.91 -3.05 -17.64
C ARG B 158 6.29 -4.36 -17.21
N ILE B 159 5.77 -4.42 -16.00
CA ILE B 159 5.23 -5.66 -15.45
C ILE B 159 3.72 -5.56 -15.51
N THR B 160 3.10 -6.29 -16.42
CA THR B 160 1.71 -6.08 -16.77
C THR B 160 0.82 -7.23 -16.37
N ILE B 161 -0.37 -6.92 -15.86
CA ILE B 161 -1.41 -7.92 -15.70
C ILE B 161 -2.10 -8.06 -17.06
N THR B 162 -1.70 -9.06 -17.83
CA THR B 162 -2.18 -9.21 -19.19
CA THR B 162 -2.20 -9.17 -19.19
C THR B 162 -3.59 -9.81 -19.24
N GLU B 163 -3.92 -10.59 -18.22
CA GLU B 163 -5.23 -11.17 -18.08
C GLU B 163 -5.52 -11.40 -16.62
N CYS B 164 -6.78 -11.30 -16.23
CA CYS B 164 -7.16 -11.56 -14.84
C CYS B 164 -8.62 -11.95 -14.79
N GLY B 165 -9.03 -12.53 -13.67
CA GLY B 165 -10.38 -13.02 -13.58
C GLY B 165 -10.61 -13.82 -12.32
N GLN B 166 -11.76 -14.47 -12.29
CA GLN B 166 -12.17 -15.25 -11.13
C GLN B 166 -12.19 -16.70 -11.57
N ILE B 167 -11.69 -17.58 -10.72
CA ILE B 167 -11.68 -19.00 -10.99
C ILE B 167 -12.97 -19.62 -10.48
N GLY C 1 44.35 5.86 11.69
CA GLY C 1 43.18 6.69 11.28
C GLY C 1 42.46 6.06 10.09
N PRO C 2 41.59 6.85 9.44
CA PRO C 2 40.99 6.32 8.21
C PRO C 2 42.07 5.82 7.27
N HIS C 3 41.83 4.70 6.62
CA HIS C 3 42.81 4.12 5.71
C HIS C 3 42.19 3.09 4.78
N MET C 4 42.70 3.02 3.55
CA MET C 4 42.15 2.13 2.53
C MET C 4 42.29 0.67 2.92
N THR C 5 43.25 0.33 3.77
CA THR C 5 43.45 -1.05 4.19
C THR C 5 42.49 -1.49 5.28
N ASN C 6 41.80 -0.55 5.92
CA ASN C 6 40.86 -0.94 6.97
C ASN C 6 39.66 -1.69 6.40
N PRO C 7 39.16 -2.68 7.14
CA PRO C 7 37.96 -3.37 6.63
C PRO C 7 36.71 -2.50 6.64
N VAL C 8 35.80 -2.79 5.72
CA VAL C 8 34.55 -2.06 5.60
C VAL C 8 33.39 -3.06 5.71
N VAL C 9 32.43 -2.75 6.59
CA VAL C 9 31.32 -3.66 6.81
C VAL C 9 30.01 -2.89 6.67
N PHE C 10 28.89 -3.61 6.68
CA PHE C 10 27.60 -2.94 6.49
C PHE C 10 26.47 -3.61 7.27
N PHE C 11 25.47 -2.80 7.59
CA PHE C 11 24.20 -3.26 8.13
C PHE C 11 23.10 -2.78 7.18
N ASP C 12 22.20 -3.68 6.78
CA ASP C 12 20.89 -3.28 6.26
C ASP C 12 19.88 -3.32 7.40
N VAL C 13 19.15 -2.22 7.58
CA VAL C 13 18.30 -2.07 8.76
C VAL C 13 16.84 -1.85 8.37
N CYS C 14 15.95 -2.48 9.11
CA CYS C 14 14.50 -2.28 8.94
CA CYS C 14 14.53 -2.18 8.94
C CYS C 14 13.86 -1.97 10.29
N ALA C 15 12.74 -1.28 10.26
CA ALA C 15 12.01 -0.97 11.47
C ALA C 15 10.60 -1.55 11.33
N ASP C 16 10.33 -2.60 12.09
CA ASP C 16 9.09 -3.39 11.93
C ASP C 16 8.81 -3.66 10.44
N GLY C 17 9.85 -4.05 9.73
CA GLY C 17 9.73 -4.41 8.33
C GLY C 17 9.87 -3.25 7.34
N GLU C 18 9.89 -2.00 7.81
CA GLU C 18 10.11 -0.89 6.90
C GLU C 18 11.61 -0.74 6.65
N PRO C 19 12.04 -0.84 5.38
CA PRO C 19 13.48 -0.66 5.12
C PRO C 19 13.93 0.75 5.45
N LEU C 20 15.03 0.86 6.20
CA LEU C 20 15.59 2.15 6.54
C LEU C 20 16.85 2.42 5.76
N GLY C 21 17.40 1.40 5.10
CA GLY C 21 18.59 1.59 4.28
C GLY C 21 19.84 0.96 4.86
N ARG C 22 20.98 1.25 4.24
CA ARG C 22 22.23 0.60 4.57
C ARG C 22 23.18 1.55 5.30
N ILE C 23 23.78 1.07 6.37
CA ILE C 23 24.86 1.77 7.07
C ILE C 23 26.17 1.09 6.70
N THR C 24 27.12 1.87 6.17
CA THR C 24 28.44 1.34 5.81
C THR C 24 29.48 1.90 6.79
N MET C 25 30.29 1.01 7.35
CA MET C 25 31.23 1.36 8.40
C MET C 25 32.69 0.98 8.09
N GLU C 26 33.63 1.88 8.36
CA GLU C 26 35.05 1.54 8.33
C GLU C 26 35.51 1.23 9.75
N LEU C 27 36.25 0.14 9.91
CA LEU C 27 36.74 -0.31 11.20
C LEU C 27 38.23 -0.01 11.31
N PHE C 28 38.65 0.59 12.42
CA PHE C 28 40.04 0.99 12.59
C PHE C 28 40.91 -0.23 12.98
N SER C 29 41.08 -1.17 12.06
CA SER C 29 41.99 -2.30 12.32
C SER C 29 43.40 -1.81 12.60
N ASN C 30 43.77 -0.65 12.07
CA ASN C 30 45.11 -0.10 12.28
C ASN C 30 45.31 0.56 13.65
N ILE C 31 44.22 0.70 14.43
CA ILE C 31 44.31 1.27 15.77
C ILE C 31 43.96 0.26 16.84
N VAL C 32 42.85 -0.45 16.62
CA VAL C 32 42.34 -1.45 17.56
C VAL C 32 42.05 -2.76 16.81
N PRO C 33 43.11 -3.48 16.41
CA PRO C 33 42.92 -4.66 15.56
C PRO C 33 42.00 -5.73 16.20
N ARG C 34 42.09 -5.98 17.49
CA ARG C 34 41.30 -7.06 18.09
C ARG C 34 39.82 -6.71 18.15
N THR C 35 39.55 -5.45 18.47
CA THR C 35 38.18 -4.98 18.58
C THR C 35 37.55 -4.90 17.20
N ALA C 36 38.34 -4.45 16.22
CA ALA C 36 37.85 -4.36 14.85
C ALA C 36 37.55 -5.74 14.30
N GLU C 37 38.43 -6.70 14.61
CA GLU C 37 38.26 -8.06 14.12
C GLU C 37 37.01 -8.70 14.70
N ASN C 38 36.78 -8.47 16.00
CA ASN C 38 35.57 -8.98 16.63
C ASN C 38 34.32 -8.49 15.88
N PHE C 39 34.24 -7.18 15.63
CA PHE C 39 33.08 -6.60 14.98
C PHE C 39 32.96 -7.10 13.53
N ARG C 40 34.09 -7.15 12.81
CA ARG C 40 34.08 -7.66 11.44
C ARG C 40 33.50 -9.08 11.37
N ALA C 41 34.02 -9.97 12.22
CA ALA C 41 33.59 -11.36 12.20
C ALA C 41 32.09 -11.52 12.60
N LEU C 42 31.63 -10.67 13.50
CA LEU C 42 30.22 -10.67 13.86
C LEU C 42 29.34 -10.17 12.70
N CYS C 43 29.85 -9.29 11.86
CA CYS C 43 29.12 -8.86 10.67
C CYS C 43 29.02 -9.97 9.63
N THR C 44 30.10 -10.72 9.44
CA THR C 44 30.08 -11.77 8.42
C THR C 44 29.40 -13.03 8.93
N GLY C 45 29.40 -13.21 10.25
CA GLY C 45 28.78 -14.37 10.86
C GLY C 45 29.62 -15.63 10.72
N GLU C 46 30.90 -15.47 10.40
CA GLU C 46 31.76 -16.58 10.03
C GLU C 46 32.08 -17.55 11.18
N LYS C 47 31.93 -17.11 12.42
CA LYS C 47 32.17 -18.00 13.56
C LYS C 47 30.91 -18.80 13.93
N GLY C 48 29.82 -18.58 13.22
CA GLY C 48 28.58 -19.30 13.51
C GLY C 48 27.58 -18.50 14.31
N PHE C 49 27.94 -17.27 14.64
CA PHE C 49 27.04 -16.35 15.33
C PHE C 49 27.40 -14.93 14.91
N GLY C 50 26.49 -13.98 15.09
CA GLY C 50 26.75 -12.61 14.66
C GLY C 50 25.54 -11.71 14.73
N PHE C 51 25.67 -10.54 14.09
CA PHE C 51 24.69 -9.46 14.23
C PHE C 51 23.41 -9.67 13.42
N LYS C 52 23.43 -10.57 12.44
CA LYS C 52 22.25 -10.74 11.59
C LYS C 52 21.04 -11.09 12.48
N ASN C 53 19.94 -10.37 12.26
CA ASN C 53 18.70 -10.52 13.03
C ASN C 53 18.74 -9.98 14.46
N SER C 54 19.84 -9.33 14.84
CA SER C 54 19.88 -8.62 16.10
C SER C 54 19.22 -7.24 15.96
N ILE C 55 18.97 -6.58 17.08
CA ILE C 55 18.24 -5.32 17.05
C ILE C 55 18.96 -4.19 17.77
N PHE C 56 18.52 -2.96 17.49
CA PHE C 56 18.93 -1.82 18.28
C PHE C 56 17.94 -1.68 19.43
N HIS C 57 18.32 -2.17 20.60
CA HIS C 57 17.38 -2.30 21.72
C HIS C 57 17.28 -1.06 22.60
N ARG C 58 18.20 -0.13 22.40
N ARG C 58 18.20 -0.12 22.40
CA ARG C 58 18.24 1.09 23.19
CA ARG C 58 18.25 1.09 23.22
C ARG C 58 18.69 2.24 22.30
C ARG C 58 18.73 2.27 22.37
N VAL C 59 17.87 3.27 22.22
CA VAL C 59 18.16 4.41 21.37
C VAL C 59 17.81 5.66 22.12
N ILE C 60 18.79 6.55 22.29
CA ILE C 60 18.61 7.78 23.04
C ILE C 60 19.00 8.93 22.13
N PRO C 61 17.99 9.69 21.67
CA PRO C 61 18.31 10.77 20.72
C PRO C 61 19.29 11.78 21.27
N ASP C 62 20.14 12.24 20.36
CA ASP C 62 21.26 13.14 20.63
CA ASP C 62 21.24 13.15 20.67
C ASP C 62 22.34 12.46 21.48
N PHE C 63 22.29 11.13 21.58
CA PHE C 63 23.31 10.42 22.35
C PHE C 63 23.84 9.18 21.62
N VAL C 64 23.10 8.07 21.66
CA VAL C 64 23.54 6.82 21.03
C VAL C 64 22.42 5.98 20.43
N CYS C 65 22.76 5.18 19.41
CA CYS C 65 21.95 4.02 19.01
C CYS C 65 22.69 2.77 19.46
N GLN C 66 22.11 1.98 20.35
CA GLN C 66 22.83 0.85 20.91
C GLN C 66 22.26 -0.49 20.42
N GLY C 67 23.15 -1.39 20.02
CA GLY C 67 22.73 -2.71 19.57
C GLY C 67 23.74 -3.77 19.92
N GLY C 68 23.67 -4.92 19.22
CA GLY C 68 24.66 -5.96 19.34
C GLY C 68 24.50 -6.96 20.47
N ASP C 69 23.36 -6.95 21.15
CA ASP C 69 23.09 -7.99 22.15
C ASP C 69 22.56 -9.22 21.43
N ILE C 70 23.47 -10.04 20.93
CA ILE C 70 23.12 -11.11 20.04
C ILE C 70 22.64 -12.38 20.77
N THR C 71 22.64 -12.37 22.10
CA THR C 71 22.20 -13.55 22.84
C THR C 71 20.87 -13.32 23.58
N LYS C 72 20.62 -12.11 24.05
CA LYS C 72 19.41 -11.82 24.83
C LYS C 72 18.55 -10.70 24.24
N HIS C 73 19.16 -9.91 23.36
CA HIS C 73 18.42 -8.90 22.60
C HIS C 73 17.79 -7.80 23.45
N ASP C 74 18.36 -7.53 24.61
CA ASP C 74 17.76 -6.55 25.52
C ASP C 74 18.78 -5.77 26.35
N GLY C 75 20.06 -6.00 26.10
CA GLY C 75 21.09 -5.30 26.84
C GLY C 75 21.76 -6.15 27.90
N THR C 76 21.16 -7.28 28.26
CA THR C 76 21.73 -8.13 29.31
C THR C 76 22.69 -9.21 28.81
N GLY C 77 22.77 -9.41 27.49
CA GLY C 77 23.59 -10.48 26.94
C GLY C 77 24.78 -10.01 26.10
N GLY C 78 25.12 -10.77 25.07
CA GLY C 78 26.24 -10.46 24.19
C GLY C 78 27.33 -11.53 24.26
N GLN C 79 28.09 -11.68 23.18
CA GLN C 79 29.22 -12.60 23.19
C GLN C 79 30.22 -12.20 22.10
N SER C 80 31.50 -12.21 22.44
CA SER C 80 32.53 -11.85 21.46
C SER C 80 33.08 -13.12 20.80
N ILE C 81 33.88 -12.93 19.77
CA ILE C 81 34.52 -14.07 19.12
C ILE C 81 35.64 -14.62 20.00
N TYR C 82 35.95 -13.93 21.10
CA TYR C 82 36.99 -14.35 22.01
C TYR C 82 36.45 -15.01 23.28
N GLY C 83 35.13 -15.10 23.39
CA GLY C 83 34.51 -15.54 24.64
C GLY C 83 33.51 -14.50 25.15
N ASP C 84 33.05 -14.71 26.37
CA ASP C 84 32.05 -13.83 26.96
C ASP C 84 32.51 -12.39 27.07
N LYS C 85 33.80 -12.17 27.34
CA LYS C 85 34.29 -10.81 27.48
C LYS C 85 35.72 -10.69 26.96
N PHE C 86 36.12 -9.49 26.57
CA PHE C 86 37.53 -9.23 26.24
C PHE C 86 37.97 -7.84 26.69
N GLU C 87 39.29 -7.63 26.73
CA GLU C 87 39.86 -6.43 27.33
CA GLU C 87 39.90 -6.41 27.29
C GLU C 87 39.66 -5.16 26.49
N ASP C 88 39.73 -4.02 27.18
CA ASP C 88 39.74 -2.72 26.54
C ASP C 88 41.08 -2.60 25.83
N GLU C 89 41.06 -2.48 24.50
CA GLU C 89 42.28 -2.61 23.74
C GLU C 89 43.16 -1.34 23.89
N ASN C 90 42.57 -0.19 23.60
CA ASN C 90 43.16 1.11 23.94
C ASN C 90 42.07 2.16 23.80
N PHE C 91 42.37 3.39 24.21
CA PHE C 91 41.44 4.50 24.08
C PHE C 91 42.02 5.61 23.19
N ASP C 92 42.71 5.22 22.12
CA ASP C 92 43.40 6.18 21.26
C ASP C 92 42.46 7.10 20.47
N VAL C 93 41.23 6.64 20.18
CA VAL C 93 40.24 7.47 19.49
C VAL C 93 39.16 7.92 20.46
N LYS C 94 38.88 9.21 20.46
CA LYS C 94 37.92 9.81 21.38
C LYS C 94 36.53 9.92 20.73
N HIS C 95 35.51 10.10 21.56
CA HIS C 95 34.13 10.27 21.10
C HIS C 95 33.92 11.73 20.72
N THR C 96 34.37 12.08 19.51
CA THR C 96 34.47 13.48 19.13
C THR C 96 33.29 14.01 18.33
N GLY C 97 32.43 13.11 17.87
CA GLY C 97 31.28 13.54 17.07
C GLY C 97 30.36 12.39 16.74
N PRO C 98 29.33 12.65 15.93
CA PRO C 98 28.41 11.58 15.51
C PRO C 98 29.09 10.57 14.60
N GLY C 99 28.47 9.40 14.53
CA GLY C 99 28.86 8.41 13.54
C GLY C 99 30.01 7.52 13.96
N LEU C 100 30.42 7.60 15.22
CA LEU C 100 31.52 6.74 15.70
C LEU C 100 30.98 5.44 16.29
N LEU C 101 31.71 4.37 16.08
CA LEU C 101 31.38 3.08 16.64
CA LEU C 101 31.39 3.07 16.63
C LEU C 101 32.17 2.88 17.93
N SER C 102 31.46 2.54 18.99
CA SER C 102 32.10 2.42 20.29
C SER C 102 31.54 1.21 21.04
N MET C 103 32.41 0.50 21.75
CA MET C 103 31.98 -0.71 22.46
C MET C 103 31.17 -0.36 23.71
N ALA C 104 30.02 -1.02 23.87
CA ALA C 104 29.25 -0.88 25.09
C ALA C 104 29.91 -1.78 26.13
N ASN C 105 29.78 -1.44 27.40
CA ASN C 105 30.35 -2.30 28.43
C ASN C 105 29.75 -2.05 29.78
N GLN C 106 30.09 -2.90 30.74
CA GLN C 106 29.59 -2.77 32.11
C GLN C 106 30.74 -2.61 33.08
N GLY C 107 31.77 -1.88 32.67
CA GLY C 107 32.95 -1.72 33.48
C GLY C 107 34.17 -2.16 32.68
N GLN C 108 35.34 -2.00 33.30
CA GLN C 108 36.60 -2.27 32.62
C GLN C 108 36.71 -3.71 32.13
N ASN C 109 37.17 -3.86 30.90
CA ASN C 109 37.45 -5.15 30.29
C ASN C 109 36.24 -6.08 30.27
N THR C 110 35.10 -5.56 29.84
CA THR C 110 33.90 -6.38 29.70
C THR C 110 33.29 -6.24 28.30
N ASN C 111 34.13 -6.03 27.29
CA ASN C 111 33.63 -5.94 25.93
C ASN C 111 33.10 -7.27 25.46
N ASN C 112 32.01 -7.24 24.70
CA ASN C 112 31.48 -8.46 24.12
C ASN C 112 31.06 -8.22 22.66
N SER C 113 29.77 -8.19 22.38
CA SER C 113 29.30 -7.84 21.05
C SER C 113 28.50 -6.53 21.03
N GLN C 114 28.09 -6.01 22.19
CA GLN C 114 27.29 -4.79 22.20
C GLN C 114 28.10 -3.55 21.83
N PHE C 115 27.46 -2.67 21.08
CA PHE C 115 28.13 -1.47 20.58
C PHE C 115 27.13 -0.33 20.50
N VAL C 116 27.64 0.89 20.37
CA VAL C 116 26.80 2.02 20.03
C VAL C 116 27.32 2.70 18.77
N ILE C 117 26.41 3.37 18.08
CA ILE C 117 26.77 4.36 17.08
C ILE C 117 26.45 5.70 17.72
N THR C 118 27.44 6.60 17.79
CA THR C 118 27.20 7.88 18.45
C THR C 118 26.37 8.81 17.58
N LEU C 119 25.62 9.69 18.24
CA LEU C 119 24.79 10.68 17.55
C LEU C 119 25.30 12.10 17.83
N LYS C 120 26.27 12.20 18.72
CA LYS C 120 26.82 13.47 19.18
C LYS C 120 28.17 13.20 19.85
N LYS C 121 29.02 14.22 19.90
CA LYS C 121 30.19 14.21 20.78
C LYS C 121 29.78 13.69 22.17
N ALA C 122 30.59 12.80 22.74
CA ALA C 122 30.27 12.20 24.04
C ALA C 122 31.53 12.08 24.89
N GLU C 123 32.06 13.22 25.33
CA GLU C 123 33.32 13.24 26.06
C GLU C 123 33.27 12.35 27.33
N HIS C 124 32.10 12.19 27.92
CA HIS C 124 32.01 11.43 29.17
C HIS C 124 32.26 9.93 28.96
N LEU C 125 32.26 9.48 27.70
CA LEU C 125 32.55 8.08 27.38
C LEU C 125 34.05 7.88 27.14
N ASP C 126 34.81 8.96 26.99
CA ASP C 126 36.25 8.83 26.73
C ASP C 126 36.94 8.11 27.90
N PHE C 127 37.91 7.27 27.56
CA PHE C 127 38.64 6.45 28.53
C PHE C 127 37.81 5.37 29.25
N LYS C 128 36.55 5.22 28.84
CA LYS C 128 35.69 4.18 29.38
C LYS C 128 35.22 3.21 28.30
N HIS C 129 35.01 3.72 27.09
CA HIS C 129 34.54 2.90 25.98
C HIS C 129 35.50 2.99 24.82
N VAL C 130 35.79 1.83 24.21
CA VAL C 130 36.72 1.77 23.08
C VAL C 130 36.03 2.14 21.75
N VAL C 131 36.51 3.20 21.12
CA VAL C 131 36.07 3.56 19.78
C VAL C 131 36.90 2.77 18.75
N PHE C 132 36.21 2.17 17.78
CA PHE C 132 36.84 1.24 16.86
C PHE C 132 36.43 1.41 15.40
N GLY C 133 35.63 2.42 15.08
CA GLY C 133 35.28 2.65 13.68
C GLY C 133 34.37 3.85 13.50
N PHE C 134 33.94 4.06 12.27
CA PHE C 134 33.02 5.15 11.96
C PHE C 134 32.12 4.84 10.76
N VAL C 135 30.99 5.54 10.74
CA VAL C 135 30.05 5.45 9.63
C VAL C 135 30.58 6.23 8.42
N LYS C 136 30.91 5.51 7.36
CA LYS C 136 31.42 6.17 6.15
C LYS C 136 30.31 6.52 5.16
N ASP C 137 29.17 5.84 5.25
CA ASP C 137 28.01 6.16 4.43
C ASP C 137 26.77 5.63 5.13
N GLY C 138 25.63 6.27 4.86
CA GLY C 138 24.40 5.86 5.49
C GLY C 138 24.14 6.48 6.86
N MET C 139 24.75 7.61 7.16
CA MET C 139 24.38 8.30 8.39
C MET C 139 22.87 8.64 8.35
N ASP C 140 22.29 8.83 7.16
CA ASP C 140 20.85 9.11 7.08
CA ASP C 140 20.84 9.10 7.06
C ASP C 140 20.04 7.96 7.67
N THR C 141 20.53 6.73 7.49
CA THR C 141 19.88 5.58 8.11
C THR C 141 20.00 5.61 9.64
N VAL C 142 21.18 5.97 10.14
CA VAL C 142 21.37 6.16 11.57
C VAL C 142 20.37 7.18 12.14
N LYS C 143 20.15 8.28 11.44
CA LYS C 143 19.21 9.30 11.92
C LYS C 143 17.78 8.79 11.90
N LYS C 144 17.44 7.92 10.95
CA LYS C 144 16.12 7.26 11.00
C LYS C 144 16.01 6.39 12.25
N ILE C 145 17.05 5.65 12.59
CA ILE C 145 17.01 4.86 13.82
C ILE C 145 16.77 5.74 15.05
N GLU C 146 17.47 6.86 15.10
CA GLU C 146 17.37 7.81 16.20
C GLU C 146 15.93 8.27 16.41
N SER C 147 15.19 8.40 15.32
CA SER C 147 13.83 8.93 15.36
CA SER C 147 13.84 8.94 15.37
C SER C 147 12.87 8.05 16.15
N PHE C 148 13.25 6.79 16.37
CA PHE C 148 12.40 5.84 17.10
C PHE C 148 12.75 5.76 18.58
N GLY C 149 13.77 6.49 19.02
CA GLY C 149 14.20 6.44 20.41
C GLY C 149 13.60 7.51 21.30
N SER C 150 13.95 7.45 22.57
CA SER C 150 13.39 8.34 23.58
C SER C 150 14.46 8.63 24.62
N PRO C 151 14.27 9.69 25.44
CA PRO C 151 15.33 10.06 26.39
C PRO C 151 15.76 8.92 27.31
N LYS C 152 14.83 8.07 27.74
CA LYS C 152 15.19 6.97 28.61
C LYS C 152 15.51 5.67 27.85
N GLY C 153 15.50 5.75 26.52
CA GLY C 153 16.06 4.69 25.71
C GLY C 153 15.11 3.68 25.09
N SER C 154 13.85 3.66 25.49
CA SER C 154 12.89 2.76 24.87
C SER C 154 12.72 3.09 23.40
N VAL C 155 12.51 2.05 22.58
CA VAL C 155 12.42 2.21 21.12
C VAL C 155 11.00 1.84 20.67
N CYS C 156 10.38 2.62 19.78
CA CYS C 156 8.99 2.45 19.37
CA CYS C 156 8.97 2.29 19.53
C CYS C 156 8.73 1.33 18.38
N ARG C 157 9.78 0.88 17.71
CA ARG C 157 9.65 -0.24 16.78
C ARG C 157 10.81 -1.17 17.02
N ARG C 158 10.69 -2.41 16.55
CA ARG C 158 11.80 -3.34 16.54
C ARG C 158 12.69 -2.96 15.36
N ILE C 159 13.90 -2.51 15.67
CA ILE C 159 14.85 -2.08 14.65
CA ILE C 159 14.85 -2.06 14.67
C ILE C 159 15.88 -3.17 14.45
N THR C 160 15.76 -3.87 13.33
CA THR C 160 16.51 -5.10 13.09
C THR C 160 17.57 -4.93 12.03
N ILE C 161 18.73 -5.51 12.30
CA ILE C 161 19.77 -5.70 11.29
C ILE C 161 19.36 -6.93 10.45
N THR C 162 18.74 -6.69 9.31
CA THR C 162 18.16 -7.78 8.52
C THR C 162 19.22 -8.47 7.67
N GLU C 163 20.29 -7.74 7.35
CA GLU C 163 21.44 -8.32 6.67
C GLU C 163 22.69 -7.56 7.05
N CYS C 164 23.83 -8.24 7.11
CA CYS C 164 25.08 -7.59 7.41
C CYS C 164 26.22 -8.39 6.80
N GLY C 165 27.39 -7.78 6.70
CA GLY C 165 28.51 -8.46 6.10
C GLY C 165 29.68 -7.53 5.85
N GLN C 166 30.63 -8.03 5.08
CA GLN C 166 31.84 -7.27 4.76
C GLN C 166 31.84 -6.92 3.29
N ILE C 167 32.21 -5.67 2.99
CA ILE C 167 32.37 -5.21 1.62
C ILE C 167 33.75 -5.59 1.13
N GLY D 1 1.84 -15.61 7.41
CA GLY D 1 0.57 -16.14 6.82
C GLY D 1 0.82 -17.44 6.07
N PRO D 2 -0.15 -17.87 5.28
CA PRO D 2 0.08 -19.08 4.49
C PRO D 2 1.33 -18.90 3.66
N HIS D 3 2.15 -19.93 3.54
CA HIS D 3 3.40 -19.79 2.80
C HIS D 3 3.96 -21.14 2.45
N MET D 4 4.61 -21.21 1.27
CA MET D 4 5.13 -22.48 0.76
C MET D 4 6.22 -23.10 1.66
N THR D 5 6.89 -22.27 2.47
CA THR D 5 7.92 -22.79 3.36
C THR D 5 7.38 -23.38 4.66
N ASN D 6 6.10 -23.13 4.96
CA ASN D 6 5.53 -23.68 6.19
C ASN D 6 5.39 -25.19 6.11
N PRO D 7 5.60 -25.88 7.25
CA PRO D 7 5.41 -27.34 7.26
C PRO D 7 3.97 -27.72 6.97
N VAL D 8 3.79 -28.87 6.33
CA VAL D 8 2.48 -29.42 6.08
C VAL D 8 2.43 -30.80 6.73
N VAL D 9 1.39 -31.05 7.53
CA VAL D 9 1.24 -32.33 8.22
C VAL D 9 -0.15 -32.90 7.94
N PHE D 10 -0.38 -34.16 8.34
CA PHE D 10 -1.66 -34.79 8.07
C PHE D 10 -2.06 -35.75 9.18
N PHE D 11 -3.36 -35.96 9.28
CA PHE D 11 -3.95 -37.02 10.09
C PHE D 11 -4.81 -37.86 9.15
N ASP D 12 -4.70 -39.19 9.24
CA ASP D 12 -5.73 -40.08 8.72
C ASP D 12 -6.62 -40.43 9.90
N VAL D 13 -7.93 -40.31 9.73
CA VAL D 13 -8.86 -40.41 10.85
C VAL D 13 -9.94 -41.48 10.59
N CYS D 14 -10.28 -42.28 11.60
CA CYS D 14 -11.35 -43.26 11.51
CA CYS D 14 -11.38 -43.22 11.47
C CYS D 14 -12.35 -43.04 12.63
N ALA D 15 -13.58 -43.53 12.42
CA ALA D 15 -14.61 -43.48 13.46
C ALA D 15 -15.08 -44.92 13.70
N ASP D 16 -14.83 -45.44 14.91
CA ASP D 16 -15.00 -46.88 15.19
C ASP D 16 -14.45 -47.72 14.03
N GLY D 17 -13.25 -47.40 13.59
CA GLY D 17 -12.64 -48.20 12.53
C GLY D 17 -13.09 -47.92 11.10
N GLU D 18 -14.13 -47.10 10.91
CA GLU D 18 -14.53 -46.70 9.55
C GLU D 18 -13.72 -45.47 9.10
N PRO D 19 -12.98 -45.58 7.99
CA PRO D 19 -12.15 -44.44 7.59
C PRO D 19 -12.98 -43.21 7.27
N LEU D 20 -12.53 -42.06 7.77
CA LEU D 20 -13.19 -40.78 7.46
C LEU D 20 -12.41 -39.96 6.46
N GLY D 21 -11.17 -40.35 6.21
CA GLY D 21 -10.34 -39.63 5.27
C GLY D 21 -9.18 -38.89 5.94
N ARG D 22 -8.51 -38.04 5.16
CA ARG D 22 -7.29 -37.39 5.60
C ARG D 22 -7.51 -35.90 5.80
N ILE D 23 -7.01 -35.39 6.92
CA ILE D 23 -6.93 -33.95 7.16
C ILE D 23 -5.50 -33.50 6.90
N THR D 24 -5.35 -32.52 6.02
CA THR D 24 -4.03 -31.97 5.71
C THR D 24 -3.97 -30.54 6.23
N MET D 25 -2.94 -30.24 7.00
CA MET D 25 -2.83 -28.96 7.74
C MET D 25 -1.51 -28.25 7.43
N GLU D 26 -1.59 -26.93 7.25
CA GLU D 26 -0.38 -26.11 7.15
C GLU D 26 -0.13 -25.45 8.49
N LEU D 27 1.12 -25.46 8.95
CA LEU D 27 1.46 -24.88 10.26
C LEU D 27 2.19 -23.56 10.08
N PHE D 28 1.77 -22.54 10.83
CA PHE D 28 2.34 -21.20 10.66
C PHE D 28 3.71 -21.08 11.36
N SER D 29 4.72 -21.79 10.88
CA SER D 29 6.06 -21.70 11.45
C SER D 29 6.59 -20.29 11.34
N ASN D 30 6.10 -19.54 10.36
CA ASN D 30 6.56 -18.18 10.15
C ASN D 30 5.93 -17.17 11.09
N ILE D 31 4.95 -17.61 11.87
CA ILE D 31 4.28 -16.74 12.85
C ILE D 31 4.53 -17.21 14.28
N VAL D 32 4.36 -18.51 14.52
CA VAL D 32 4.53 -19.10 15.85
C VAL D 32 5.43 -20.33 15.71
N PRO D 33 6.74 -20.09 15.55
CA PRO D 33 7.64 -21.22 15.25
C PRO D 33 7.69 -22.28 16.33
N ARG D 34 7.68 -21.90 17.61
CA ARG D 34 7.74 -22.91 18.68
C ARG D 34 6.48 -23.77 18.73
N THR D 35 5.33 -23.13 18.56
CA THR D 35 4.05 -23.83 18.64
C THR D 35 3.87 -24.75 17.44
N ALA D 36 4.25 -24.27 16.26
CA ALA D 36 4.19 -25.06 15.06
C ALA D 36 5.15 -26.26 15.14
N GLU D 37 6.35 -26.04 15.66
CA GLU D 37 7.33 -27.12 15.77
C GLU D 37 6.86 -28.22 16.73
N ASN D 38 6.28 -27.83 17.86
CA ASN D 38 5.65 -28.77 18.76
C ASN D 38 4.66 -29.67 18.02
N PHE D 39 3.71 -29.06 17.31
CA PHE D 39 2.67 -29.81 16.59
C PHE D 39 3.30 -30.70 15.51
N ARG D 40 4.26 -30.15 14.75
CA ARG D 40 4.93 -30.90 13.69
C ARG D 40 5.61 -32.16 14.24
N ALA D 41 6.38 -31.99 15.31
CA ALA D 41 7.08 -33.12 15.92
C ALA D 41 6.12 -34.17 16.48
N LEU D 42 4.98 -33.73 16.98
CA LEU D 42 4.01 -34.67 17.53
C LEU D 42 3.36 -35.47 16.40
N CYS D 43 3.28 -34.87 15.20
CA CYS D 43 2.75 -35.59 14.04
C CYS D 43 3.71 -36.65 13.54
N THR D 44 5.01 -36.35 13.54
CA THR D 44 5.98 -37.32 13.05
C THR D 44 6.29 -38.37 14.11
N GLY D 45 6.10 -38.01 15.38
CA GLY D 45 6.42 -38.90 16.48
C GLY D 45 7.93 -39.03 16.73
N GLU D 46 8.71 -38.09 16.19
CA GLU D 46 10.16 -38.22 16.21
C GLU D 46 10.81 -38.10 17.58
N LYS D 47 10.10 -37.56 18.58
CA LYS D 47 10.64 -37.49 19.94
C LYS D 47 10.31 -38.73 20.77
N GLY D 48 9.62 -39.69 20.18
CA GLY D 48 9.26 -40.91 20.90
C GLY D 48 7.80 -40.97 21.35
N PHE D 49 7.09 -39.87 21.17
CA PHE D 49 5.66 -39.82 21.47
C PHE D 49 4.98 -38.88 20.49
N GLY D 50 3.65 -38.93 20.43
CA GLY D 50 2.93 -38.10 19.48
C GLY D 50 1.47 -38.45 19.30
N PHE D 51 0.90 -37.97 18.21
CA PHE D 51 -0.54 -38.03 17.98
C PHE D 51 -1.01 -39.39 17.46
N LYS D 52 -0.13 -40.23 16.91
CA LYS D 52 -0.61 -41.51 16.40
C LYS D 52 -1.38 -42.29 17.49
N ASN D 53 -2.58 -42.73 17.14
CA ASN D 53 -3.46 -43.49 18.02
C ASN D 53 -4.18 -42.67 19.08
N SER D 54 -4.03 -41.35 19.04
CA SER D 54 -4.80 -40.50 19.94
C SER D 54 -6.17 -40.28 19.33
N ILE D 55 -7.09 -39.71 20.11
CA ILE D 55 -8.47 -39.56 19.66
C ILE D 55 -8.93 -38.11 19.76
N PHE D 56 -10.05 -37.81 19.10
CA PHE D 56 -10.75 -36.56 19.33
C PHE D 56 -11.75 -36.86 20.44
N HIS D 57 -11.43 -36.39 21.65
CA HIS D 57 -12.19 -36.77 22.82
C HIS D 57 -13.31 -35.78 23.14
N ARG D 58 -13.32 -34.64 22.47
CA ARG D 58 -14.31 -33.60 22.74
C ARG D 58 -14.69 -32.92 21.45
N VAL D 59 -15.94 -33.08 21.04
CA VAL D 59 -16.40 -32.51 19.78
C VAL D 59 -17.72 -31.81 20.04
N ILE D 60 -17.74 -30.50 19.80
CA ILE D 60 -18.92 -29.68 20.06
C ILE D 60 -19.34 -29.04 18.74
N PRO D 61 -20.44 -29.54 18.17
CA PRO D 61 -20.82 -29.02 16.85
C PRO D 61 -20.99 -27.52 16.83
N ASP D 62 -20.53 -26.94 15.73
CA ASP D 62 -20.53 -25.50 15.53
C ASP D 62 -19.51 -24.75 16.36
N PHE D 63 -18.61 -25.48 17.02
CA PHE D 63 -17.60 -24.84 17.85
C PHE D 63 -16.21 -25.42 17.56
N VAL D 64 -15.91 -26.63 18.07
CA VAL D 64 -14.58 -27.20 17.90
C VAL D 64 -14.58 -28.71 17.82
N CYS D 65 -13.55 -29.25 17.16
CA CYS D 65 -13.14 -30.64 17.32
C CYS D 65 -11.83 -30.65 18.10
N GLN D 66 -11.81 -31.26 19.28
CA GLN D 66 -10.64 -31.19 20.15
C GLN D 66 -9.99 -32.55 20.35
N GLY D 67 -8.68 -32.60 20.22
CA GLY D 67 -7.93 -33.82 20.46
C GLY D 67 -6.57 -33.50 21.06
N GLY D 68 -5.63 -34.42 20.91
CA GLY D 68 -4.26 -34.19 21.32
C GLY D 68 -3.94 -34.55 22.77
N ASP D 69 -4.87 -35.15 23.50
CA ASP D 69 -4.51 -35.61 24.83
C ASP D 69 -3.80 -36.95 24.74
N ILE D 70 -2.50 -36.89 24.49
CA ILE D 70 -1.76 -38.09 24.15
C ILE D 70 -1.32 -38.90 25.38
N THR D 71 -1.68 -38.46 26.58
CA THR D 71 -1.29 -39.20 27.79
C THR D 71 -2.47 -39.81 28.55
N LYS D 72 -3.61 -39.13 28.54
CA LYS D 72 -4.79 -39.62 29.26
C LYS D 72 -6.01 -39.83 28.37
N HIS D 73 -5.96 -39.28 27.16
CA HIS D 73 -7.00 -39.48 26.16
C HIS D 73 -8.38 -39.03 26.60
N ASP D 74 -8.46 -38.03 27.47
CA ASP D 74 -9.76 -37.59 27.96
C ASP D 74 -9.86 -36.10 28.27
N GLY D 75 -8.80 -35.36 28.04
CA GLY D 75 -8.81 -33.93 28.27
C GLY D 75 -8.01 -33.55 29.49
N THR D 76 -7.66 -34.52 30.33
CA THR D 76 -6.92 -34.23 31.55
C THR D 76 -5.41 -34.31 31.41
N GLY D 77 -4.93 -34.78 30.26
CA GLY D 77 -3.51 -35.03 30.10
C GLY D 77 -2.88 -34.12 29.05
N GLY D 78 -1.81 -34.60 28.42
CA GLY D 78 -1.14 -33.83 27.39
C GLY D 78 0.35 -33.67 27.69
N GLN D 79 1.14 -33.49 26.65
CA GLN D 79 2.59 -33.42 26.79
C GLN D 79 3.17 -32.74 25.56
N SER D 80 3.94 -31.68 25.76
CA SER D 80 4.61 -31.02 24.63
C SER D 80 6.02 -31.57 24.48
N ILE D 81 6.68 -31.19 23.39
CA ILE D 81 8.08 -31.56 23.20
C ILE D 81 9.01 -30.74 24.10
N TYR D 82 8.46 -29.75 24.79
CA TYR D 82 9.24 -28.88 25.66
C TYR D 82 9.05 -29.21 27.14
N GLY D 83 8.22 -30.20 27.43
CA GLY D 83 7.83 -30.50 28.80
C GLY D 83 6.32 -30.50 28.98
N ASP D 84 5.88 -30.49 30.23
CA ASP D 84 4.46 -30.56 30.53
C ASP D 84 3.69 -29.35 30.01
N LYS D 85 4.34 -28.19 29.96
CA LYS D 85 3.67 -27.00 29.45
C LYS D 85 4.65 -26.05 28.80
N PHE D 86 4.15 -25.22 27.88
CA PHE D 86 4.97 -24.14 27.34
C PHE D 86 4.15 -22.86 27.15
N GLU D 87 4.87 -21.76 26.98
CA GLU D 87 4.25 -20.43 27.00
CA GLU D 87 4.25 -20.43 27.00
C GLU D 87 3.47 -20.12 25.74
N ASP D 88 2.45 -19.26 25.90
CA ASP D 88 1.70 -18.69 24.78
C ASP D 88 2.68 -17.87 23.94
N GLU D 89 2.89 -18.28 22.69
CA GLU D 89 3.91 -17.66 21.86
C GLU D 89 3.53 -16.24 21.39
N ASN D 90 2.39 -16.11 20.73
CA ASN D 90 1.78 -14.82 20.45
C ASN D 90 0.33 -15.07 20.00
N PHE D 91 -0.43 -13.99 19.82
CA PHE D 91 -1.82 -14.07 19.41
C PHE D 91 -2.06 -13.30 18.11
N ASP D 92 -1.08 -13.40 17.20
CA ASP D 92 -1.11 -12.65 15.95
C ASP D 92 -2.25 -13.06 15.02
N VAL D 93 -2.68 -14.31 15.09
CA VAL D 93 -3.75 -14.79 14.23
C VAL D 93 -5.02 -14.99 15.04
N LYS D 94 -6.12 -14.43 14.55
CA LYS D 94 -7.41 -14.56 15.23
C LYS D 94 -8.22 -15.78 14.75
N HIS D 95 -9.24 -16.13 15.55
CA HIS D 95 -10.14 -17.25 15.24
C HIS D 95 -11.26 -16.72 14.33
N THR D 96 -10.93 -16.56 13.05
CA THR D 96 -11.78 -15.84 12.13
C THR D 96 -12.78 -16.71 11.36
N GLY D 97 -12.63 -18.02 11.42
CA GLY D 97 -13.51 -18.92 10.72
C GLY D 97 -13.17 -20.38 10.99
N PRO D 98 -13.87 -21.29 10.30
CA PRO D 98 -13.62 -22.73 10.43
C PRO D 98 -12.25 -23.13 9.93
N GLY D 99 -11.78 -24.29 10.39
CA GLY D 99 -10.58 -24.89 9.82
C GLY D 99 -9.27 -24.41 10.43
N LEU D 100 -9.33 -23.59 11.48
CA LEU D 100 -8.10 -23.11 12.10
C LEU D 100 -7.66 -24.04 13.22
N LEU D 101 -6.36 -24.19 13.35
CA LEU D 101 -5.76 -24.96 14.44
CA LEU D 101 -5.76 -24.96 14.44
C LEU D 101 -5.39 -24.03 15.56
N SER D 102 -5.85 -24.35 16.76
CA SER D 102 -5.66 -23.49 17.91
C SER D 102 -5.35 -24.34 19.13
N MET D 103 -4.44 -23.87 19.98
CA MET D 103 -4.01 -24.66 21.14
C MET D 103 -5.07 -24.64 22.22
N ALA D 104 -5.36 -25.81 22.75
CA ALA D 104 -6.21 -25.93 23.93
C ALA D 104 -5.36 -25.56 25.14
N ASN D 105 -5.96 -24.96 26.17
CA ASN D 105 -5.20 -24.67 27.38
C ASN D 105 -6.14 -24.50 28.55
N GLN D 106 -5.55 -24.42 29.75
CA GLN D 106 -6.31 -24.23 30.98
C GLN D 106 -5.86 -22.96 31.68
N GLY D 107 -5.61 -21.91 30.90
CA GLY D 107 -5.13 -20.65 31.45
C GLY D 107 -3.84 -20.25 30.76
N GLN D 108 -3.29 -19.10 31.12
CA GLN D 108 -2.11 -18.59 30.44
C GLN D 108 -0.93 -19.56 30.56
N ASN D 109 -0.22 -19.74 29.44
CA ASN D 109 1.03 -20.48 29.42
C ASN D 109 0.90 -21.91 29.92
N THR D 110 -0.14 -22.59 29.45
CA THR D 110 -0.36 -24.00 29.79
C THR D 110 -0.52 -24.85 28.53
N ASN D 111 0.11 -24.44 27.45
CA ASN D 111 0.06 -25.23 26.23
C ASN D 111 0.77 -26.55 26.40
N ASN D 112 0.20 -27.60 25.82
CA ASN D 112 0.86 -28.91 25.85
C ASN D 112 0.75 -29.57 24.48
N SER D 113 -0.01 -30.66 24.34
CA SER D 113 -0.30 -31.25 23.04
C SER D 113 -1.76 -31.09 22.59
N GLN D 114 -2.66 -30.72 23.49
CA GLN D 114 -4.07 -30.60 23.11
C GLN D 114 -4.32 -29.42 22.17
N PHE D 115 -5.21 -29.63 21.21
CA PHE D 115 -5.50 -28.63 20.19
C PHE D 115 -6.95 -28.73 19.78
N VAL D 116 -7.45 -27.68 19.14
CA VAL D 116 -8.74 -27.75 18.48
C VAL D 116 -8.62 -27.44 17.00
N ILE D 117 -9.56 -27.98 16.23
CA ILE D 117 -9.84 -27.51 14.89
C ILE D 117 -11.16 -26.77 15.00
N THR D 118 -11.18 -25.49 14.64
CA THR D 118 -12.41 -24.70 14.74
C THR D 118 -13.44 -25.10 13.69
N LEU D 119 -14.71 -24.97 14.07
CA LEU D 119 -15.81 -25.21 13.15
C LEU D 119 -16.52 -23.92 12.79
N LYS D 120 -16.11 -22.82 13.42
CA LYS D 120 -16.79 -21.56 13.27
C LYS D 120 -15.87 -20.46 13.78
N LYS D 121 -16.07 -19.23 13.32
CA LYS D 121 -15.44 -18.07 13.93
C LYS D 121 -15.64 -18.16 15.46
N ALA D 122 -14.61 -17.80 16.21
CA ALA D 122 -14.65 -17.94 17.67
C ALA D 122 -13.93 -16.77 18.34
N GLU D 123 -14.52 -15.58 18.23
CA GLU D 123 -13.91 -14.36 18.75
C GLU D 123 -13.57 -14.44 20.25
N HIS D 124 -14.36 -15.18 21.00
CA HIS D 124 -14.12 -15.32 22.44
C HIS D 124 -12.83 -16.05 22.79
N LEU D 125 -12.21 -16.73 21.82
CA LEU D 125 -10.92 -17.39 22.02
C LEU D 125 -9.73 -16.50 21.71
N ASP D 126 -9.97 -15.38 21.01
CA ASP D 126 -8.91 -14.45 20.67
C ASP D 126 -8.16 -13.93 21.92
N PHE D 127 -6.84 -13.86 21.80
CA PHE D 127 -5.95 -13.40 22.88
C PHE D 127 -5.88 -14.36 24.07
N LYS D 128 -6.51 -15.52 23.96
CA LYS D 128 -6.45 -16.55 25.00
C LYS D 128 -5.87 -17.86 24.47
N HIS D 129 -6.14 -18.17 23.21
CA HIS D 129 -5.62 -19.40 22.61
C HIS D 129 -4.80 -19.07 21.38
N VAL D 130 -3.65 -19.72 21.27
CA VAL D 130 -2.73 -19.49 20.15
C VAL D 130 -3.15 -20.25 18.89
N VAL D 131 -3.47 -19.51 17.84
CA VAL D 131 -3.73 -20.09 16.51
C VAL D 131 -2.39 -20.33 15.80
N PHE D 132 -2.22 -21.54 15.28
CA PHE D 132 -0.93 -21.95 14.75
C PHE D 132 -0.98 -22.66 13.40
N GLY D 133 -2.16 -22.77 12.80
CA GLY D 133 -2.24 -23.36 11.48
C GLY D 133 -3.67 -23.44 10.95
N PHE D 134 -3.84 -24.10 9.81
CA PHE D 134 -5.16 -24.24 9.21
C PHE D 134 -5.26 -25.51 8.37
N VAL D 135 -6.48 -25.94 8.17
CA VAL D 135 -6.78 -27.11 7.34
C VAL D 135 -6.70 -26.70 5.88
N LYS D 136 -5.75 -27.25 5.15
CA LYS D 136 -5.62 -26.88 3.74
C LYS D 136 -6.39 -27.83 2.84
N ASP D 137 -6.67 -29.04 3.32
CA ASP D 137 -7.50 -30.00 2.60
C ASP D 137 -8.08 -30.99 3.59
N GLY D 138 -9.24 -31.54 3.26
CA GLY D 138 -9.89 -32.51 4.14
C GLY D 138 -10.81 -31.88 5.18
N MET D 139 -11.28 -30.66 4.94
CA MET D 139 -12.31 -30.10 5.81
C MET D 139 -13.55 -31.00 5.81
N ASP D 140 -13.82 -31.72 4.71
CA ASP D 140 -14.94 -32.67 4.67
CA ASP D 140 -14.95 -32.64 4.70
C ASP D 140 -14.79 -33.73 5.77
N THR D 141 -13.55 -34.15 6.00
CA THR D 141 -13.29 -35.11 7.08
C THR D 141 -13.58 -34.47 8.44
N VAL D 142 -13.21 -33.21 8.62
CA VAL D 142 -13.48 -32.51 9.88
C VAL D 142 -15.00 -32.45 10.10
N LYS D 143 -15.76 -32.19 9.04
CA LYS D 143 -17.21 -32.12 9.17
C LYS D 143 -17.80 -33.49 9.51
N LYS D 144 -17.16 -34.58 9.05
CA LYS D 144 -17.62 -35.90 9.47
C LYS D 144 -17.40 -36.10 10.97
N ILE D 145 -16.26 -35.65 11.48
CA ILE D 145 -16.00 -35.74 12.91
C ILE D 145 -17.09 -34.98 13.70
N GLU D 146 -17.38 -33.76 13.24
CA GLU D 146 -18.35 -32.89 13.92
C GLU D 146 -19.69 -33.60 14.09
N SER D 147 -20.05 -34.43 13.12
CA SER D 147 -21.35 -35.09 13.13
CA SER D 147 -21.36 -35.08 13.15
C SER D 147 -21.52 -36.06 14.31
N PHE D 148 -20.40 -36.47 14.91
CA PHE D 148 -20.48 -37.39 16.06
C PHE D 148 -20.47 -36.70 17.41
N GLY D 149 -20.36 -35.37 17.41
CA GLY D 149 -20.30 -34.62 18.66
C GLY D 149 -21.64 -34.20 19.23
N SER D 150 -21.59 -33.56 20.39
CA SER D 150 -22.81 -33.14 21.10
C SER D 150 -22.52 -31.84 21.83
N PRO D 151 -23.58 -31.15 22.29
CA PRO D 151 -23.35 -29.84 22.92
C PRO D 151 -22.33 -29.85 24.08
N LYS D 152 -22.32 -30.91 24.87
CA LYS D 152 -21.40 -30.97 25.99
C LYS D 152 -20.12 -31.73 25.69
N GLY D 153 -19.95 -32.16 24.43
CA GLY D 153 -18.64 -32.57 23.94
C GLY D 153 -18.40 -34.06 23.79
N SER D 154 -19.24 -34.88 24.41
CA SER D 154 -19.10 -36.32 24.24
C SER D 154 -19.31 -36.75 22.78
N VAL D 155 -18.56 -37.77 22.38
CA VAL D 155 -18.52 -38.22 20.99
C VAL D 155 -19.11 -39.63 20.87
N CYS D 156 -19.96 -39.85 19.86
CA CYS D 156 -20.70 -41.11 19.73
C CYS D 156 -19.86 -42.29 19.26
N ARG D 157 -18.74 -42.01 18.61
CA ARG D 157 -17.85 -43.06 18.13
C ARG D 157 -16.44 -42.69 18.56
N ARG D 158 -15.55 -43.66 18.57
CA ARG D 158 -14.15 -43.41 18.87
C ARG D 158 -13.50 -42.87 17.61
N ILE D 159 -13.05 -41.63 17.68
CA ILE D 159 -12.50 -40.95 16.51
C ILE D 159 -10.98 -40.93 16.65
N THR D 160 -10.30 -41.80 15.91
CA THR D 160 -8.89 -42.07 16.10
C THR D 160 -8.06 -41.54 14.96
N ILE D 161 -6.92 -40.95 15.30
CA ILE D 161 -5.88 -40.61 14.34
C ILE D 161 -5.06 -41.88 14.14
N THR D 162 -5.31 -42.56 13.03
CA THR D 162 -4.73 -43.88 12.79
C THR D 162 -3.33 -43.77 12.20
N GLU D 163 -3.06 -42.66 11.53
CA GLU D 163 -1.72 -42.34 11.10
CA GLU D 163 -1.76 -42.37 10.96
C GLU D 163 -1.58 -40.85 10.97
N CYS D 164 -0.36 -40.38 11.15
CA CYS D 164 -0.08 -38.95 11.02
C CYS D 164 1.38 -38.79 10.64
N GLY D 165 1.75 -37.59 10.21
CA GLY D 165 3.12 -37.37 9.79
C GLY D 165 3.25 -36.07 9.07
N GLN D 166 4.41 -35.87 8.45
CA GLN D 166 4.70 -34.65 7.73
C GLN D 166 4.80 -34.94 6.25
N ILE D 167 4.20 -34.09 5.43
CA ILE D 167 4.27 -34.20 3.97
C ILE D 167 5.55 -33.53 3.47
N GLY E 1 -6.16 19.04 -25.02
CA GLY E 1 -6.67 18.57 -26.34
C GLY E 1 -6.26 19.53 -27.44
N PRO E 2 -6.93 19.45 -28.59
CA PRO E 2 -6.63 20.42 -29.64
C PRO E 2 -6.78 21.85 -29.10
N HIS E 3 -5.90 22.75 -29.51
CA HIS E 3 -5.96 24.12 -29.02
C HIS E 3 -5.18 25.07 -29.89
N MET E 4 -5.66 26.31 -29.97
CA MET E 4 -5.05 27.30 -30.87
C MET E 4 -3.62 27.64 -30.43
N THR E 5 -3.30 27.43 -29.16
CA THR E 5 -1.97 27.76 -28.65
C THR E 5 -0.94 26.67 -28.93
N ASN E 6 -1.39 25.48 -29.34
CA ASN E 6 -0.45 24.40 -29.59
C ASN E 6 0.38 24.68 -30.84
N PRO E 7 1.66 24.28 -30.83
CA PRO E 7 2.50 24.44 -32.03
C PRO E 7 1.97 23.64 -33.20
N VAL E 8 2.18 24.16 -34.42
CA VAL E 8 1.81 23.46 -35.64
C VAL E 8 3.08 23.32 -36.48
N VAL E 9 3.36 22.10 -36.92
CA VAL E 9 4.57 21.82 -37.71
C VAL E 9 4.17 21.06 -38.96
N PHE E 10 5.11 20.87 -39.88
CA PHE E 10 4.79 20.23 -41.15
C PHE E 10 5.99 19.42 -41.66
N PHE E 11 5.65 18.38 -42.43
CA PHE E 11 6.60 17.64 -43.26
C PHE E 11 6.20 17.77 -44.71
N ASP E 12 7.16 18.09 -45.58
CA ASP E 12 6.95 17.92 -47.02
C ASP E 12 7.63 16.61 -47.40
N VAL E 13 6.87 15.72 -48.02
CA VAL E 13 7.30 14.34 -48.21
C VAL E 13 7.44 14.03 -49.71
N CYS E 14 8.43 13.22 -50.03
CA CYS E 14 8.63 12.80 -51.41
CA CYS E 14 8.69 12.83 -51.41
C CYS E 14 8.92 11.31 -51.46
N ALA E 15 8.62 10.70 -52.60
CA ALA E 15 8.90 9.29 -52.82
C ALA E 15 9.78 9.17 -54.06
N ASP E 16 11.02 8.71 -53.89
CA ASP E 16 11.99 8.64 -54.98
C ASP E 16 12.00 9.94 -55.80
N GLY E 17 12.00 11.06 -55.10
CA GLY E 17 12.14 12.34 -55.77
C GLY E 17 10.87 12.90 -56.37
N GLU E 18 9.73 12.25 -56.13
CA GLU E 18 8.46 12.80 -56.59
CA GLU E 18 8.43 12.76 -56.59
C GLU E 18 7.64 13.27 -55.39
N PRO E 19 7.03 14.46 -55.52
CA PRO E 19 6.31 15.02 -54.35
C PRO E 19 5.03 14.25 -53.99
N LEU E 20 4.84 13.99 -52.70
CA LEU E 20 3.61 13.38 -52.20
C LEU E 20 2.74 14.41 -51.51
N GLY E 21 3.30 15.57 -51.18
CA GLY E 21 2.53 16.62 -50.53
C GLY E 21 2.95 16.88 -49.09
N ARG E 22 2.15 17.69 -48.40
CA ARG E 22 2.50 18.15 -47.04
C ARG E 22 1.61 17.53 -45.98
N ILE E 23 2.23 17.14 -44.87
CA ILE E 23 1.51 16.70 -43.69
C ILE E 23 1.66 17.80 -42.65
N THR E 24 0.54 18.29 -42.14
N THR E 24 0.56 18.31 -42.16
CA THR E 24 0.54 19.35 -41.13
CA THR E 24 0.62 19.28 -41.09
C THR E 24 0.05 18.74 -39.81
C THR E 24 0.11 18.67 -39.82
N MET E 25 0.80 18.97 -38.73
CA MET E 25 0.54 18.33 -37.44
C MET E 25 0.42 19.36 -36.34
N GLU E 26 -0.57 19.15 -35.47
CA GLU E 26 -0.66 19.93 -34.24
C GLU E 26 -0.07 19.08 -33.12
N LEU E 27 0.79 19.68 -32.30
CA LEU E 27 1.46 19.00 -31.19
C LEU E 27 0.80 19.38 -29.88
N PHE E 28 0.51 18.39 -29.03
CA PHE E 28 -0.16 18.64 -27.74
C PHE E 28 0.78 19.19 -26.67
N SER E 29 1.29 20.40 -26.86
CA SER E 29 2.14 21.03 -25.84
C SER E 29 1.40 21.20 -24.52
N ASN E 30 0.06 21.28 -24.60
CA ASN E 30 -0.76 21.45 -23.41
C ASN E 30 -0.96 20.16 -22.62
N ILE E 31 -0.50 19.04 -23.17
CA ILE E 31 -0.64 17.73 -22.50
C ILE E 31 0.73 17.12 -22.20
N VAL E 32 1.61 17.12 -23.21
CA VAL E 32 2.96 16.57 -23.09
C VAL E 32 3.99 17.59 -23.59
N PRO E 33 4.27 18.62 -22.79
CA PRO E 33 5.08 19.75 -23.27
C PRO E 33 6.51 19.35 -23.64
N ARG E 34 7.14 18.48 -22.86
CA ARG E 34 8.51 18.06 -23.22
C ARG E 34 8.57 17.27 -24.49
N THR E 35 7.60 16.38 -24.68
CA THR E 35 7.57 15.52 -25.85
C THR E 35 7.26 16.36 -27.09
N ALA E 36 6.29 17.26 -26.98
CA ALA E 36 5.94 18.16 -28.08
C ALA E 36 7.13 19.04 -28.44
N GLU E 37 7.85 19.55 -27.44
CA GLU E 37 8.96 20.46 -27.70
C GLU E 37 10.08 19.75 -28.47
N ASN E 38 10.36 18.50 -28.10
CA ASN E 38 11.33 17.69 -28.80
C ASN E 38 11.00 17.61 -30.30
N PHE E 39 9.77 17.19 -30.59
CA PHE E 39 9.34 17.04 -31.97
C PHE E 39 9.37 18.39 -32.69
N ARG E 40 8.87 19.45 -32.06
CA ARG E 40 8.87 20.76 -32.67
C ARG E 40 10.29 21.18 -33.07
N ALA E 41 11.23 21.05 -32.15
CA ALA E 41 12.63 21.42 -32.39
C ALA E 41 13.28 20.59 -33.50
N LEU E 42 12.90 19.31 -33.58
CA LEU E 42 13.45 18.45 -34.63
C LEU E 42 12.88 18.85 -36.00
N CYS E 43 11.66 19.40 -36.02
CA CYS E 43 11.09 19.90 -37.27
C CYS E 43 11.80 21.16 -37.75
N THR E 44 12.12 22.08 -36.83
CA THR E 44 12.76 23.32 -37.25
C THR E 44 14.25 23.15 -37.49
N GLY E 45 14.86 22.15 -36.88
CA GLY E 45 16.29 21.96 -36.97
C GLY E 45 17.11 22.95 -36.16
N GLU E 46 16.45 23.63 -35.23
CA GLU E 46 17.10 24.73 -34.51
C GLU E 46 18.25 24.28 -33.59
N LYS E 47 18.28 23.01 -33.21
CA LYS E 47 19.38 22.47 -32.39
C LYS E 47 20.54 21.96 -33.25
N GLY E 48 20.43 22.11 -34.57
CA GLY E 48 21.49 21.66 -35.46
C GLY E 48 21.35 20.22 -35.93
N PHE E 49 20.21 19.60 -35.66
CA PHE E 49 19.88 18.29 -36.20
C PHE E 49 18.36 18.16 -36.17
N GLY E 50 17.80 17.18 -36.86
CA GLY E 50 16.37 17.12 -37.00
C GLY E 50 15.89 16.22 -38.13
N PHE E 51 14.61 16.35 -38.47
CA PHE E 51 13.94 15.43 -39.39
C PHE E 51 14.24 15.72 -40.86
N LYS E 52 14.80 16.88 -41.19
CA LYS E 52 15.08 17.16 -42.60
C LYS E 52 15.98 16.09 -43.20
N ASN E 53 15.55 15.52 -44.33
CA ASN E 53 16.27 14.46 -45.03
C ASN E 53 16.26 13.09 -44.35
N SER E 54 15.42 12.95 -43.34
CA SER E 54 15.21 11.63 -42.76
C SER E 54 14.15 10.91 -43.59
N ILE E 55 13.96 9.62 -43.35
CA ILE E 55 13.01 8.84 -44.11
C ILE E 55 11.95 8.18 -43.23
N PHE E 56 10.88 7.75 -43.89
CA PHE E 56 9.98 6.78 -43.27
C PHE E 56 10.52 5.38 -43.61
N HIS E 57 11.15 4.74 -42.65
CA HIS E 57 11.89 3.51 -42.92
C HIS E 57 11.00 2.28 -42.78
N ARG E 58 9.87 2.41 -42.11
CA ARG E 58 8.94 1.30 -41.93
C ARG E 58 7.52 1.79 -42.14
N VAL E 59 6.81 1.14 -43.03
CA VAL E 59 5.44 1.51 -43.35
C VAL E 59 4.64 0.23 -43.41
N ILE E 60 3.75 0.06 -42.44
CA ILE E 60 2.91 -1.11 -42.36
C ILE E 60 1.46 -0.72 -42.50
N PRO E 61 0.86 -1.03 -43.66
CA PRO E 61 -0.50 -0.58 -43.92
C PRO E 61 -1.46 -1.05 -42.83
N ASP E 62 -2.37 -0.17 -42.46
CA ASP E 62 -3.31 -0.41 -41.37
C ASP E 62 -2.70 -0.28 -39.98
N PHE E 63 -1.42 0.04 -39.87
CA PHE E 63 -0.80 0.20 -38.56
C PHE E 63 -0.09 1.52 -38.40
N VAL E 64 1.04 1.68 -39.09
CA VAL E 64 1.87 2.86 -38.87
C VAL E 64 2.67 3.25 -40.08
N CYS E 65 2.95 4.55 -40.16
CA CYS E 65 4.11 5.05 -40.91
C CYS E 65 5.13 5.49 -39.87
N GLN E 66 6.28 4.84 -39.87
CA GLN E 66 7.28 5.09 -38.84
C GLN E 66 8.50 5.82 -39.40
N GLY E 67 8.90 6.90 -38.73
CA GLY E 67 10.07 7.65 -39.14
C GLY E 67 10.87 8.13 -37.94
N GLY E 68 11.70 9.13 -38.20
CA GLY E 68 12.43 9.83 -37.17
C GLY E 68 13.71 9.14 -36.71
N ASP E 69 14.15 8.09 -37.40
CA ASP E 69 15.47 7.55 -37.09
C ASP E 69 16.52 8.36 -37.80
N ILE E 70 16.87 9.50 -37.20
CA ILE E 70 17.68 10.51 -37.87
C ILE E 70 19.18 10.21 -37.79
N THR E 71 19.56 9.08 -37.18
CA THR E 71 20.97 8.70 -37.11
C THR E 71 21.31 7.42 -37.86
N LYS E 72 20.37 6.49 -37.97
CA LYS E 72 20.67 5.22 -38.64
C LYS E 72 19.69 4.87 -39.76
N HIS E 73 18.57 5.60 -39.83
CA HIS E 73 17.59 5.41 -40.90
C HIS E 73 17.04 3.98 -40.99
N ASP E 74 17.01 3.23 -39.90
CA ASP E 74 16.49 1.87 -40.01
C ASP E 74 15.77 1.37 -38.78
N GLY E 75 15.60 2.23 -37.79
CA GLY E 75 14.90 1.86 -36.56
C GLY E 75 15.80 1.59 -35.38
N THR E 76 17.11 1.49 -35.61
CA THR E 76 18.04 1.16 -34.53
C THR E 76 18.67 2.41 -33.91
N GLY E 77 18.40 3.57 -34.49
CA GLY E 77 19.03 4.81 -34.04
C GLY E 77 18.03 5.79 -33.46
N GLY E 78 18.35 7.08 -33.56
CA GLY E 78 17.52 8.13 -33.00
C GLY E 78 18.28 8.99 -32.01
N GLN E 79 17.82 10.22 -31.84
CA GLN E 79 18.45 11.18 -30.97
CA GLN E 79 18.47 11.21 -30.97
C GLN E 79 17.48 12.33 -30.63
N SER E 80 17.24 12.56 -29.34
CA SER E 80 16.33 13.61 -28.92
C SER E 80 17.09 14.89 -28.65
N ILE E 81 16.39 15.99 -28.46
CA ILE E 81 17.04 17.22 -28.03
C ILE E 81 17.49 17.14 -26.57
N TYR E 82 17.09 16.08 -25.86
CA TYR E 82 17.51 15.92 -24.46
C TYR E 82 18.63 14.89 -24.29
N GLY E 83 19.13 14.35 -25.39
CA GLY E 83 20.08 13.24 -25.35
C GLY E 83 19.56 12.02 -26.07
N ASP E 84 20.22 10.88 -25.89
CA ASP E 84 19.86 9.65 -26.60
CA ASP E 84 19.86 9.65 -26.60
C ASP E 84 18.49 9.11 -26.18
N LYS E 85 18.06 9.39 -24.95
CA LYS E 85 16.74 8.92 -24.50
C LYS E 85 16.10 9.90 -23.55
N PHE E 86 14.77 9.95 -23.53
CA PHE E 86 14.04 10.65 -22.46
C PHE E 86 12.81 9.91 -21.97
N GLU E 87 12.38 10.29 -20.78
CA GLU E 87 11.30 9.57 -20.11
CA GLU E 87 11.28 9.68 -20.05
C GLU E 87 9.91 9.77 -20.73
N ASP E 88 9.08 8.74 -20.53
CA ASP E 88 7.68 8.76 -20.92
C ASP E 88 6.99 9.83 -20.08
N GLU E 89 6.46 10.86 -20.72
CA GLU E 89 5.91 12.01 -19.99
C GLU E 89 4.57 11.71 -19.28
N ASN E 90 3.61 11.23 -20.04
CA ASN E 90 2.35 10.70 -19.49
C ASN E 90 1.65 9.92 -20.60
N PHE E 91 0.59 9.20 -20.23
CA PHE E 91 -0.19 8.48 -21.22
C PHE E 91 -1.63 8.97 -21.26
N ASP E 92 -1.81 10.29 -21.15
CA ASP E 92 -3.15 10.89 -21.07
C ASP E 92 -3.98 10.74 -22.35
N VAL E 93 -3.32 10.63 -23.50
CA VAL E 93 -4.03 10.47 -24.76
C VAL E 93 -3.86 9.05 -25.29
N LYS E 94 -4.98 8.43 -25.65
CA LYS E 94 -4.96 7.05 -26.17
C LYS E 94 -4.87 7.01 -27.70
N HIS E 95 -4.50 5.83 -28.22
CA HIS E 95 -4.37 5.62 -29.66
C HIS E 95 -5.73 5.24 -30.21
N THR E 96 -6.58 6.24 -30.43
CA THR E 96 -8.00 6.01 -30.67
C THR E 96 -8.38 5.97 -32.16
N GLY E 97 -7.47 6.35 -33.04
CA GLY E 97 -7.78 6.39 -34.45
C GLY E 97 -6.55 6.70 -35.28
N PRO E 98 -6.72 6.78 -36.60
CA PRO E 98 -5.63 7.15 -37.51
C PRO E 98 -5.19 8.59 -37.28
N GLY E 99 -3.98 8.93 -37.74
CA GLY E 99 -3.53 10.31 -37.76
C GLY E 99 -2.94 10.80 -36.44
N LEU E 100 -2.76 9.90 -35.48
CA LEU E 100 -2.14 10.30 -34.21
C LEU E 100 -0.61 10.15 -34.26
N LEU E 101 0.09 11.08 -33.63
CA LEU E 101 1.55 11.01 -33.52
C LEU E 101 1.91 10.35 -32.20
N SER E 102 2.70 9.29 -32.29
CA SER E 102 3.06 8.51 -31.11
C SER E 102 4.56 8.21 -31.10
N MET E 103 5.18 8.32 -29.93
CA MET E 103 6.62 8.07 -29.82
C MET E 103 6.95 6.58 -29.94
N ALA E 104 7.90 6.25 -30.81
CA ALA E 104 8.39 4.90 -30.92
C ALA E 104 9.35 4.69 -29.74
N ASN E 105 9.47 3.47 -29.28
CA ASN E 105 10.41 3.24 -28.19
C ASN E 105 10.73 1.76 -28.08
N GLN E 106 11.74 1.45 -27.28
CA GLN E 106 12.14 0.06 -27.08
C GLN E 106 11.97 -0.31 -25.63
N GLY E 107 10.89 0.14 -25.03
CA GLY E 107 10.64 -0.16 -23.64
C GLY E 107 10.47 1.14 -22.89
N GLN E 108 10.19 1.05 -21.60
CA GLN E 108 9.94 2.23 -20.79
CA GLN E 108 9.93 2.23 -20.79
C GLN E 108 11.07 3.25 -20.86
N ASN E 109 10.70 4.51 -21.02
CA ASN E 109 11.64 5.64 -20.92
C ASN E 109 12.80 5.62 -21.90
N THR E 110 12.50 5.30 -23.15
CA THR E 110 13.52 5.23 -24.18
C THR E 110 13.11 6.06 -25.41
N ASN E 111 12.34 7.12 -25.19
CA ASN E 111 11.98 8.03 -26.30
C ASN E 111 13.21 8.75 -26.86
N ASN E 112 13.23 8.94 -28.17
CA ASN E 112 14.32 9.69 -28.78
C ASN E 112 13.73 10.59 -29.87
N SER E 113 13.96 10.27 -31.14
CA SER E 113 13.37 11.05 -32.22
C SER E 113 12.38 10.24 -33.04
N GLN E 114 12.36 8.92 -32.86
CA GLN E 114 11.49 8.09 -33.68
C GLN E 114 10.03 8.23 -33.28
N PHE E 115 9.16 8.16 -34.27
CA PHE E 115 7.74 8.37 -34.08
C PHE E 115 6.98 7.55 -35.08
N VAL E 116 5.69 7.37 -34.81
CA VAL E 116 4.79 6.84 -35.80
C VAL E 116 3.64 7.78 -36.02
N ILE E 117 3.10 7.72 -37.23
CA ILE E 117 1.78 8.27 -37.51
C ILE E 117 0.88 7.05 -37.62
N THR E 118 -0.12 6.96 -36.75
CA THR E 118 -1.00 5.79 -36.78
C THR E 118 -1.89 5.77 -38.02
N LEU E 119 -2.21 4.58 -38.50
CA LEU E 119 -3.13 4.42 -39.62
C LEU E 119 -4.48 3.85 -39.17
N LYS E 120 -4.56 3.41 -37.91
CA LYS E 120 -5.79 2.88 -37.33
CA LYS E 120 -5.75 2.83 -37.33
C LYS E 120 -5.69 2.98 -35.82
N LYS E 121 -6.84 2.83 -35.16
CA LYS E 121 -6.86 2.68 -33.70
C LYS E 121 -5.81 1.64 -33.30
N ALA E 122 -5.10 1.87 -32.20
CA ALA E 122 -4.02 0.96 -31.77
C ALA E 122 -4.00 0.77 -30.26
N GLU E 123 -5.02 0.11 -29.75
CA GLU E 123 -5.14 -0.04 -28.31
CA GLU E 123 -5.17 -0.10 -28.32
C GLU E 123 -3.93 -0.77 -27.74
N HIS E 124 -3.27 -1.61 -28.53
CA HIS E 124 -2.11 -2.36 -28.06
C HIS E 124 -0.91 -1.44 -27.72
N LEU E 125 -0.97 -0.18 -28.15
CA LEU E 125 0.09 0.78 -27.84
C LEU E 125 -0.24 1.63 -26.60
N ASP E 126 -1.50 1.59 -26.14
CA ASP E 126 -1.91 2.43 -25.01
C ASP E 126 -1.11 2.13 -23.75
N PHE E 127 -0.76 3.19 -23.02
CA PHE E 127 0.02 3.10 -21.79
C PHE E 127 1.47 2.67 -21.99
N LYS E 128 1.89 2.51 -23.25
CA LYS E 128 3.25 2.07 -23.56
C LYS E 128 3.98 3.10 -24.41
N HIS E 129 3.22 3.79 -25.27
CA HIS E 129 3.79 4.82 -26.13
C HIS E 129 3.04 6.11 -25.93
N VAL E 130 3.80 7.20 -25.85
CA VAL E 130 3.24 8.52 -25.57
C VAL E 130 2.68 9.14 -26.86
N VAL E 131 1.38 9.44 -26.86
CA VAL E 131 0.76 10.18 -27.96
C VAL E 131 0.95 11.68 -27.73
N PHE E 132 1.45 12.40 -28.76
CA PHE E 132 1.81 13.80 -28.56
C PHE E 132 1.30 14.77 -29.62
N GLY E 133 0.49 14.29 -30.56
CA GLY E 133 -0.08 15.19 -31.55
C GLY E 133 -0.95 14.47 -32.55
N PHE E 134 -1.41 15.21 -33.57
CA PHE E 134 -2.25 14.63 -34.60
C PHE E 134 -2.09 15.36 -35.93
N VAL E 135 -2.48 14.67 -36.99
CA VAL E 135 -2.45 15.21 -38.34
C VAL E 135 -3.70 16.06 -38.56
N LYS E 136 -3.49 17.35 -38.74
CA LYS E 136 -4.60 18.27 -38.91
C LYS E 136 -4.92 18.51 -40.38
N ASP E 137 -3.95 18.26 -41.25
CA ASP E 137 -4.20 18.35 -42.69
C ASP E 137 -3.14 17.50 -43.39
N GLY E 138 -3.48 16.97 -44.55
CA GLY E 138 -2.53 16.14 -45.29
C GLY E 138 -2.60 14.67 -44.96
N MET E 139 -3.70 14.21 -44.38
CA MET E 139 -3.82 12.77 -44.23
C MET E 139 -3.80 12.06 -45.60
N ASP E 140 -4.17 12.76 -46.68
CA ASP E 140 -4.06 12.14 -48.01
C ASP E 140 -2.60 11.84 -48.36
N THR E 141 -1.68 12.66 -47.87
CA THR E 141 -0.25 12.41 -48.07
C THR E 141 0.17 11.16 -47.27
N VAL E 142 -0.30 11.06 -46.05
CA VAL E 142 -0.03 9.88 -45.24
C VAL E 142 -0.55 8.62 -45.94
N LYS E 143 -1.72 8.70 -46.57
CA LYS E 143 -2.26 7.52 -47.26
C LYS E 143 -1.44 7.16 -48.51
N LYS E 144 -0.83 8.16 -49.15
CA LYS E 144 0.12 7.89 -50.24
C LYS E 144 1.33 7.13 -49.72
N ILE E 145 1.88 7.56 -48.59
CA ILE E 145 3.00 6.85 -47.97
C ILE E 145 2.62 5.40 -47.69
N GLU E 146 1.46 5.22 -47.08
CA GLU E 146 0.95 3.89 -46.76
C GLU E 146 0.96 2.98 -48.00
N SER E 147 0.67 3.55 -49.16
CA SER E 147 0.54 2.76 -50.38
C SER E 147 1.85 2.12 -50.82
N PHE E 148 2.98 2.56 -50.25
CA PHE E 148 4.27 2.00 -50.65
C PHE E 148 4.76 0.97 -49.65
N GLY E 149 3.96 0.73 -48.61
CA GLY E 149 4.36 -0.17 -47.54
C GLY E 149 3.97 -1.62 -47.80
N SER E 150 4.24 -2.46 -46.80
CA SER E 150 3.95 -3.89 -46.88
C SER E 150 3.76 -4.43 -45.45
N PRO E 151 3.27 -5.66 -45.32
CA PRO E 151 3.07 -6.23 -43.98
C PRO E 151 4.36 -6.27 -43.15
N LYS E 152 5.50 -6.56 -43.75
CA LYS E 152 6.72 -6.60 -43.00
C LYS E 152 7.26 -5.21 -42.71
N GLY E 153 6.70 -4.22 -43.41
CA GLY E 153 7.08 -2.82 -43.20
C GLY E 153 8.09 -2.27 -44.19
N SER E 154 8.65 -3.10 -45.06
CA SER E 154 9.56 -2.58 -46.04
C SER E 154 8.80 -1.72 -47.06
N VAL E 155 9.47 -0.73 -47.61
CA VAL E 155 8.84 0.21 -48.54
CA VAL E 155 8.88 0.25 -48.50
C VAL E 155 9.48 0.06 -49.91
N CYS E 156 8.67 0.19 -50.95
CA CYS E 156 9.17 -0.06 -52.31
C CYS E 156 9.70 1.20 -52.99
N ARG E 157 9.58 2.33 -52.31
CA ARG E 157 10.21 3.57 -52.75
C ARG E 157 10.80 4.21 -51.49
N ARG E 158 11.83 5.02 -51.66
CA ARG E 158 12.44 5.73 -50.55
C ARG E 158 11.63 6.97 -50.27
N ILE E 159 11.08 7.05 -49.06
CA ILE E 159 10.17 8.13 -48.66
C ILE E 159 10.90 9.10 -47.75
N THR E 160 11.16 10.31 -48.24
CA THR E 160 11.97 11.27 -47.51
CA THR E 160 11.97 11.27 -47.51
C THR E 160 11.17 12.47 -47.05
N ILE E 161 11.56 13.03 -45.91
CA ILE E 161 11.05 14.32 -45.49
C ILE E 161 12.03 15.33 -46.07
N THR E 162 11.64 15.94 -47.19
CA THR E 162 12.56 16.80 -47.89
CA THR E 162 12.54 16.83 -47.92
C THR E 162 12.67 18.18 -47.25
N GLU E 163 11.60 18.62 -46.60
CA GLU E 163 11.56 19.87 -45.88
CA GLU E 163 11.63 19.83 -45.80
C GLU E 163 10.62 19.72 -44.67
N CYS E 164 10.90 20.44 -43.59
CA CYS E 164 10.01 20.42 -42.44
C CYS E 164 10.22 21.69 -41.64
N GLY E 165 9.29 22.00 -40.75
CA GLY E 165 9.40 23.24 -40.03
C GLY E 165 8.17 23.52 -39.20
N GLN E 166 8.11 24.74 -38.68
CA GLN E 166 6.98 25.18 -37.85
C GLN E 166 6.21 26.23 -38.60
N ILE E 167 4.88 26.12 -38.53
CA ILE E 167 3.99 27.13 -39.10
C ILE E 167 3.84 28.30 -38.15
N GLY F 1 -9.42 9.59 -32.55
CA GLY F 1 -9.10 11.03 -32.31
C GLY F 1 -9.66 11.87 -33.45
N PRO F 2 -9.11 13.07 -33.64
CA PRO F 2 -9.58 13.88 -34.76
C PRO F 2 -9.46 13.12 -36.06
N HIS F 3 -10.46 13.26 -36.93
CA HIS F 3 -10.47 12.49 -38.17
C HIS F 3 -11.46 13.05 -39.19
N MET F 4 -11.09 12.99 -40.47
CA MET F 4 -11.93 13.56 -41.52
C MET F 4 -13.30 12.90 -41.62
N THR F 5 -13.42 11.66 -41.18
CA THR F 5 -14.71 10.98 -41.21
C THR F 5 -15.66 11.38 -40.07
N ASN F 6 -15.16 12.05 -39.05
CA ASN F 6 -16.01 12.46 -37.94
C ASN F 6 -17.01 13.54 -38.34
N PRO F 7 -18.22 13.48 -37.77
CA PRO F 7 -19.21 14.52 -38.08
C PRO F 7 -18.75 15.89 -37.58
N VAL F 8 -19.13 16.94 -38.30
CA VAL F 8 -18.83 18.30 -37.91
C VAL F 8 -20.16 19.05 -37.82
N VAL F 9 -20.39 19.69 -36.68
CA VAL F 9 -21.62 20.42 -36.45
C VAL F 9 -21.31 21.85 -36.02
N PHE F 10 -22.33 22.69 -35.95
CA PHE F 10 -22.12 24.08 -35.58
C PHE F 10 -23.27 24.66 -34.79
N PHE F 11 -22.94 25.69 -34.02
CA PHE F 11 -23.92 26.55 -33.33
C PHE F 11 -23.62 27.98 -33.78
N ASP F 12 -24.64 28.72 -34.16
CA ASP F 12 -24.56 30.17 -34.24
C ASP F 12 -25.17 30.71 -32.95
N VAL F 13 -24.46 31.63 -32.30
CA VAL F 13 -24.80 32.07 -30.95
C VAL F 13 -25.02 33.58 -30.89
N CYS F 14 -26.09 33.99 -30.19
CA CYS F 14 -26.44 35.40 -30.03
CA CYS F 14 -26.41 35.40 -30.00
C CYS F 14 -26.66 35.65 -28.54
N ALA F 15 -26.05 36.72 -28.02
CA ALA F 15 -26.23 37.11 -26.61
C ALA F 15 -27.03 38.42 -26.53
N ASP F 16 -28.26 38.31 -26.03
CA ASP F 16 -29.22 39.45 -26.07
C ASP F 16 -29.14 40.25 -27.38
N GLY F 17 -29.30 39.58 -28.50
CA GLY F 17 -29.32 40.32 -29.77
C GLY F 17 -27.96 40.80 -30.30
N GLU F 18 -26.88 40.45 -29.62
CA GLU F 18 -25.54 40.64 -30.21
C GLU F 18 -25.03 39.29 -30.73
N PRO F 19 -24.92 39.14 -32.06
CA PRO F 19 -24.36 37.88 -32.56
C PRO F 19 -22.91 37.71 -32.10
N LEU F 20 -22.57 36.51 -31.62
CA LEU F 20 -21.25 36.24 -31.10
C LEU F 20 -20.41 35.41 -32.07
N GLY F 21 -21.04 34.84 -33.07
CA GLY F 21 -20.31 34.08 -34.08
C GLY F 21 -20.67 32.61 -34.07
N ARG F 22 -19.93 31.84 -34.86
CA ARG F 22 -20.19 30.43 -35.05
C ARG F 22 -19.15 29.55 -34.32
N ILE F 23 -19.67 28.56 -33.60
CA ILE F 23 -18.82 27.54 -33.00
C ILE F 23 -18.93 26.31 -33.85
N THR F 24 -17.78 25.82 -34.34
CA THR F 24 -17.75 24.62 -35.16
C THR F 24 -17.09 23.51 -34.35
N MET F 25 -17.77 22.36 -34.28
CA MET F 25 -17.35 21.25 -33.42
C MET F 25 -17.18 19.97 -34.22
N GLU F 26 -16.10 19.24 -33.94
CA GLU F 26 -15.94 17.90 -34.48
C GLU F 26 -16.33 16.91 -33.40
N LEU F 27 -17.13 15.90 -33.77
CA LEU F 27 -17.62 14.91 -32.82
C LEU F 27 -16.88 13.60 -32.99
N PHE F 28 -16.45 12.99 -31.89
CA PHE F 28 -15.62 11.77 -31.97
C PHE F 28 -16.48 10.51 -32.19
N SER F 29 -17.08 10.40 -33.37
CA SER F 29 -17.84 9.22 -33.72
C SER F 29 -16.98 7.97 -33.68
N ASN F 30 -15.69 8.14 -33.92
CA ASN F 30 -14.75 7.01 -33.92
C ASN F 30 -14.38 6.53 -32.53
N ILE F 31 -14.80 7.26 -31.50
CA ILE F 31 -14.49 6.88 -30.11
C ILE F 31 -15.76 6.58 -29.32
N VAL F 32 -16.73 7.49 -29.39
CA VAL F 32 -18.00 7.35 -28.70
C VAL F 32 -19.16 7.55 -29.69
N PRO F 33 -19.43 6.54 -30.52
CA PRO F 33 -20.43 6.73 -31.59
C PRO F 33 -21.85 7.02 -31.11
N ARG F 34 -22.29 6.42 -30.01
CA ARG F 34 -23.65 6.68 -29.53
C ARG F 34 -23.80 8.12 -29.03
N THR F 35 -22.79 8.56 -28.29
CA THR F 35 -22.82 9.89 -27.70
C THR F 35 -22.69 10.94 -28.81
N ALA F 36 -21.80 10.69 -29.76
CA ALA F 36 -21.64 11.61 -30.86
C ALA F 36 -22.93 11.69 -31.69
N GLU F 37 -23.56 10.55 -31.94
CA GLU F 37 -24.80 10.53 -32.73
C GLU F 37 -25.91 11.32 -32.05
N ASN F 38 -26.04 11.18 -30.73
CA ASN F 38 -27.01 11.95 -29.97
C ASN F 38 -26.83 13.45 -30.20
N PHE F 39 -25.59 13.91 -30.06
CA PHE F 39 -25.31 15.34 -30.20
C PHE F 39 -25.52 15.79 -31.65
N ARG F 40 -25.09 14.98 -32.59
CA ARG F 40 -25.28 15.31 -34.01
C ARG F 40 -26.75 15.48 -34.35
N ALA F 41 -27.57 14.51 -33.95
CA ALA F 41 -29.00 14.56 -34.22
C ALA F 41 -29.68 15.72 -33.52
N LEU F 42 -29.22 16.09 -32.32
CA LEU F 42 -29.79 17.25 -31.63
C LEU F 42 -29.41 18.55 -32.34
N CYS F 43 -28.26 18.56 -33.02
CA CYS F 43 -27.88 19.72 -33.82
C CYS F 43 -28.73 19.87 -35.07
N THR F 44 -29.02 18.77 -35.75
CA THR F 44 -29.83 18.86 -36.97
C THR F 44 -31.32 18.99 -36.68
N GLY F 45 -31.76 18.47 -35.54
CA GLY F 45 -33.16 18.53 -35.18
C GLY F 45 -34.00 17.45 -35.85
N GLU F 46 -33.34 16.48 -36.46
CA GLU F 46 -34.02 15.52 -37.32
C GLU F 46 -35.01 14.61 -36.59
N LYS F 47 -34.92 14.51 -35.27
CA LYS F 47 -35.88 13.71 -34.50
C LYS F 47 -37.11 14.51 -34.06
N GLY F 48 -37.13 15.80 -34.35
CA GLY F 48 -38.27 16.64 -33.96
C GLY F 48 -38.01 17.51 -32.74
N PHE F 49 -36.80 17.40 -32.19
CA PHE F 49 -36.36 18.25 -31.09
C PHE F 49 -34.85 18.40 -31.19
N GLY F 50 -34.30 19.41 -30.53
CA GLY F 50 -32.87 19.66 -30.61
C GLY F 50 -32.43 20.94 -29.94
N PHE F 51 -31.19 21.35 -30.26
CA PHE F 51 -30.57 22.50 -29.63
C PHE F 51 -31.03 23.85 -30.16
N LYS F 52 -31.69 23.89 -31.31
CA LYS F 52 -32.11 25.18 -31.83
C LYS F 52 -32.99 25.92 -30.80
N ASN F 53 -32.64 27.19 -30.56
CA ASN F 53 -33.34 28.06 -29.61
C ASN F 53 -33.09 27.73 -28.14
N SER F 54 -32.18 26.80 -27.86
CA SER F 54 -31.82 26.53 -26.47
C SER F 54 -30.74 27.54 -26.06
N ILE F 55 -30.43 27.60 -24.77
CA ILE F 55 -29.47 28.59 -24.29
C ILE F 55 -28.32 27.96 -23.53
N PHE F 56 -27.26 28.76 -23.32
CA PHE F 56 -26.23 28.39 -22.36
C PHE F 56 -26.63 28.94 -21.01
N HIS F 57 -27.16 28.07 -20.15
CA HIS F 57 -27.84 28.53 -18.93
C HIS F 57 -26.89 28.61 -17.74
N ARG F 58 -25.69 28.08 -17.89
CA ARG F 58 -24.73 28.09 -16.80
C ARG F 58 -23.35 28.31 -17.37
N VAL F 59 -22.71 29.40 -16.98
CA VAL F 59 -21.37 29.70 -17.50
C VAL F 59 -20.49 30.11 -16.32
N ILE F 60 -19.44 29.31 -16.08
CA ILE F 60 -18.54 29.52 -14.96
C ILE F 60 -17.15 29.79 -15.52
N PRO F 61 -16.73 31.05 -15.48
CA PRO F 61 -15.45 31.34 -16.12
C PRO F 61 -14.33 30.48 -15.57
N ASP F 62 -13.44 30.11 -16.47
CA ASP F 62 -12.31 29.25 -16.18
C ASP F 62 -12.71 27.82 -15.89
N PHE F 63 -13.97 27.49 -16.15
CA PHE F 63 -14.41 26.13 -15.91
C PHE F 63 -15.21 25.58 -17.10
N VAL F 64 -16.47 25.99 -17.25
CA VAL F 64 -17.33 25.47 -18.31
C VAL F 64 -18.34 26.48 -18.87
N CYS F 65 -18.71 26.29 -20.13
CA CYS F 65 -19.96 26.86 -20.67
C CYS F 65 -20.94 25.69 -20.83
N GLN F 66 -22.07 25.74 -20.13
CA GLN F 66 -23.00 24.61 -20.12
C GLN F 66 -24.33 24.96 -20.78
N GLY F 67 -24.78 24.07 -21.66
CA GLY F 67 -26.06 24.27 -22.33
C GLY F 67 -26.76 22.94 -22.52
N GLY F 68 -27.68 22.88 -23.47
CA GLY F 68 -28.32 21.63 -23.82
C GLY F 68 -29.54 21.22 -23.01
N ASP F 69 -30.04 22.08 -22.12
CA ASP F 69 -31.29 21.76 -21.43
C ASP F 69 -32.44 22.17 -22.33
N ILE F 70 -32.80 21.27 -23.24
CA ILE F 70 -33.73 21.63 -24.31
C ILE F 70 -35.20 21.42 -23.89
N THR F 71 -35.45 21.04 -22.64
CA THR F 71 -36.83 20.90 -22.18
C THR F 71 -37.22 21.94 -21.12
N LYS F 72 -36.28 22.32 -20.25
CA LYS F 72 -36.58 23.26 -19.16
C LYS F 72 -35.72 24.52 -19.19
N HIS F 73 -34.64 24.48 -19.98
CA HIS F 73 -33.79 25.64 -20.19
C HIS F 73 -33.18 26.24 -18.92
N ASP F 74 -32.96 25.43 -17.91
CA ASP F 74 -32.45 25.94 -16.63
C ASP F 74 -31.54 24.97 -15.89
N GLY F 75 -31.28 23.82 -16.49
CA GLY F 75 -30.43 22.83 -15.86
C GLY F 75 -31.20 21.64 -15.31
N THR F 76 -32.52 21.78 -15.17
CA THR F 76 -33.30 20.69 -14.55
C THR F 76 -33.89 19.69 -15.55
N GLY F 77 -33.78 19.97 -16.84
CA GLY F 77 -34.33 19.08 -17.84
C GLY F 77 -33.29 18.43 -18.77
N GLY F 78 -33.68 18.19 -20.01
CA GLY F 78 -32.81 17.53 -20.98
C GLY F 78 -33.50 16.29 -21.53
N GLN F 79 -33.10 15.87 -22.71
CA GLN F 79 -33.74 14.76 -23.41
C GLN F 79 -32.79 14.27 -24.49
N SER F 80 -32.45 12.98 -24.48
CA SER F 80 -31.60 12.41 -25.53
C SER F 80 -32.47 11.76 -26.61
N ILE F 81 -31.83 11.38 -27.71
CA ILE F 81 -32.54 10.71 -28.78
C ILE F 81 -32.81 9.25 -28.42
N TYR F 82 -32.27 8.78 -27.31
CA TYR F 82 -32.49 7.40 -26.85
C TYR F 82 -33.53 7.34 -25.72
N GLY F 83 -34.04 8.48 -25.29
CA GLY F 83 -34.92 8.55 -24.13
C GLY F 83 -34.42 9.54 -23.09
N ASP F 84 -34.98 9.48 -21.89
CA ASP F 84 -34.63 10.43 -20.83
C ASP F 84 -33.16 10.37 -20.43
N LYS F 85 -32.57 9.18 -20.45
CA LYS F 85 -31.17 9.03 -20.09
C LYS F 85 -30.50 7.93 -20.90
N PHE F 86 -29.18 8.01 -21.06
CA PHE F 86 -28.43 6.90 -21.65
C PHE F 86 -27.07 6.68 -20.97
N GLU F 87 -26.47 5.52 -21.23
CA GLU F 87 -25.28 5.09 -20.51
C GLU F 87 -24.02 5.86 -20.88
N ASP F 88 -23.10 5.93 -19.92
CA ASP F 88 -21.74 6.40 -20.16
C ASP F 88 -21.09 5.43 -21.12
N GLU F 89 -20.72 5.91 -22.31
CA GLU F 89 -20.24 5.02 -23.36
C GLU F 89 -18.83 4.51 -23.07
N ASN F 90 -17.90 5.42 -22.86
CA ASN F 90 -16.56 5.11 -22.36
C ASN F 90 -15.93 6.41 -21.89
N PHE F 91 -14.77 6.30 -21.23
CA PHE F 91 -14.06 7.48 -20.77
C PHE F 91 -12.67 7.55 -21.42
N ASP F 92 -12.60 7.21 -22.70
CA ASP F 92 -11.32 7.11 -23.38
C ASP F 92 -10.62 8.45 -23.58
N VAL F 93 -11.41 9.52 -23.70
CA VAL F 93 -10.84 10.85 -23.85
C VAL F 93 -10.95 11.62 -22.55
N LYS F 94 -9.84 12.23 -22.15
CA LYS F 94 -9.78 12.96 -20.89
C LYS F 94 -9.99 14.46 -21.10
N HIS F 95 -10.30 15.14 -19.99
CA HIS F 95 -10.56 16.57 -19.98
C HIS F 95 -9.22 17.29 -19.88
N THR F 96 -8.50 17.38 -21.00
CA THR F 96 -7.12 17.80 -20.99
C THR F 96 -6.88 19.30 -21.22
N GLY F 97 -7.90 20.00 -21.66
CA GLY F 97 -7.76 21.43 -21.91
C GLY F 97 -9.08 22.05 -22.31
N PRO F 98 -9.05 23.32 -22.69
CA PRO F 98 -10.26 24.04 -23.15
C PRO F 98 -10.80 23.49 -24.46
N GLY F 99 -12.08 23.74 -24.73
CA GLY F 99 -12.64 23.47 -26.04
C GLY F 99 -13.13 22.06 -26.24
N LEU F 100 -13.14 21.26 -25.17
CA LEU F 100 -13.63 19.89 -25.28
C LEU F 100 -15.14 19.87 -24.97
N LEU F 101 -15.86 19.00 -25.67
CA LEU F 101 -17.28 18.79 -25.43
C LEU F 101 -17.41 17.60 -24.50
N SER F 102 -18.13 17.79 -23.39
CA SER F 102 -18.25 16.75 -22.36
C SER F 102 -19.72 16.72 -21.90
N MET F 103 -20.26 15.52 -21.68
CA MET F 103 -21.65 15.37 -21.28
C MET F 103 -21.83 15.76 -19.81
N ALA F 104 -22.84 16.56 -19.55
CA ALA F 104 -23.23 16.87 -18.18
C ALA F 104 -24.02 15.68 -17.66
N ASN F 105 -23.94 15.41 -16.36
CA ASN F 105 -24.75 14.34 -15.80
C ASN F 105 -24.96 14.53 -14.32
N GLN F 106 -25.84 13.71 -13.76
CA GLN F 106 -26.13 13.75 -12.33
C GLN F 106 -25.79 12.41 -11.70
N GLY F 107 -24.70 11.81 -12.16
CA GLY F 107 -24.29 10.49 -11.70
C GLY F 107 -24.16 9.51 -12.87
N GLN F 108 -23.79 8.27 -12.54
CA GLN F 108 -23.54 7.24 -13.55
C GLN F 108 -24.75 7.00 -14.45
N ASN F 109 -24.49 6.98 -15.76
CA ASN F 109 -25.49 6.60 -16.75
C ASN F 109 -26.73 7.50 -16.73
N THR F 110 -26.51 8.81 -16.69
CA THR F 110 -27.62 9.76 -16.71
C THR F 110 -27.43 10.83 -17.79
N ASN F 111 -26.72 10.48 -18.86
CA ASN F 111 -26.56 11.39 -19.99
C ASN F 111 -27.90 11.68 -20.64
N ASN F 112 -28.11 12.93 -21.04
CA ASN F 112 -29.31 13.29 -21.79
C ASN F 112 -28.94 14.21 -22.97
N SER F 113 -29.29 15.49 -22.91
CA SER F 113 -28.87 16.45 -23.94
C SER F 113 -27.91 17.51 -23.41
N GLN F 114 -27.83 17.65 -22.09
CA GLN F 114 -26.96 18.69 -21.51
C GLN F 114 -25.48 18.39 -21.71
N PHE F 115 -24.71 19.43 -21.96
CA PHE F 115 -23.30 19.29 -22.31
C PHE F 115 -22.57 20.51 -21.83
N VAL F 116 -21.24 20.39 -21.72
CA VAL F 116 -20.39 21.54 -21.48
C VAL F 116 -19.34 21.66 -22.56
N ILE F 117 -18.91 22.90 -22.78
CA ILE F 117 -17.67 23.18 -23.49
C ILE F 117 -16.67 23.61 -22.42
N THR F 118 -15.56 22.88 -22.30
CA THR F 118 -14.61 23.19 -21.24
C THR F 118 -13.87 24.49 -21.54
N LEU F 119 -13.50 25.18 -20.47
CA LEU F 119 -12.72 26.40 -20.58
C LEU F 119 -11.31 26.20 -20.01
N LYS F 120 -11.07 25.00 -19.45
CA LYS F 120 -9.80 24.68 -18.82
C LYS F 120 -9.68 23.16 -18.67
N LYS F 121 -8.45 22.66 -18.56
CA LYS F 121 -8.23 21.30 -18.10
C LYS F 121 -9.12 21.03 -16.85
N ALA F 122 -9.71 19.84 -16.79
CA ALA F 122 -10.64 19.52 -15.70
C ALA F 122 -10.51 18.05 -15.30
N GLU F 123 -9.38 17.71 -14.70
CA GLU F 123 -9.07 16.33 -14.38
C GLU F 123 -10.12 15.69 -13.48
N HIS F 124 -10.74 16.49 -12.61
CA HIS F 124 -11.76 15.97 -11.70
C HIS F 124 -13.00 15.41 -12.40
N LEU F 125 -13.16 15.72 -13.68
CA LEU F 125 -14.28 15.17 -14.46
C LEU F 125 -13.92 13.85 -15.14
N ASP F 126 -12.63 13.51 -15.18
CA ASP F 126 -12.19 12.25 -15.79
C ASP F 126 -12.84 11.04 -15.11
N PHE F 127 -13.20 10.05 -15.92
CA PHE F 127 -13.81 8.81 -15.46
C PHE F 127 -15.23 9.01 -14.92
N LYS F 128 -15.76 10.22 -15.06
CA LYS F 128 -17.11 10.53 -14.59
C LYS F 128 -17.98 11.16 -15.68
N HIS F 129 -17.37 11.97 -16.56
CA HIS F 129 -18.12 12.60 -17.67
C HIS F 129 -17.49 12.19 -18.99
N VAL F 130 -18.35 11.91 -19.97
CA VAL F 130 -17.90 11.43 -21.27
C VAL F 130 -17.54 12.59 -22.21
N VAL F 131 -16.28 12.63 -22.63
CA VAL F 131 -15.83 13.62 -23.62
C VAL F 131 -16.09 13.06 -25.01
N PHE F 132 -16.72 13.87 -25.87
CA PHE F 132 -17.21 13.34 -27.14
C PHE F 132 -16.92 14.20 -28.36
N GLY F 133 -16.20 15.30 -28.18
CA GLY F 133 -15.83 16.14 -29.31
C GLY F 133 -14.98 17.32 -28.90
N PHE F 134 -14.67 18.19 -29.86
CA PHE F 134 -13.92 19.41 -29.57
C PHE F 134 -14.30 20.55 -30.49
N VAL F 135 -13.99 21.76 -30.05
CA VAL F 135 -14.22 22.96 -30.86
C VAL F 135 -13.07 23.10 -31.86
N LYS F 136 -13.40 22.97 -33.15
CA LYS F 136 -12.46 23.01 -34.25
C LYS F 136 -12.22 24.46 -34.70
N ASP F 137 -13.25 25.30 -34.54
CA ASP F 137 -13.14 26.72 -34.89
C ASP F 137 -14.19 27.48 -34.10
N GLY F 138 -13.95 28.76 -33.87
CA GLY F 138 -14.89 29.56 -33.09
C GLY F 138 -14.67 29.52 -31.58
N MET F 139 -13.48 29.13 -31.14
CA MET F 139 -13.19 29.24 -29.71
C MET F 139 -13.30 30.70 -29.28
N ASP F 140 -13.10 31.65 -30.19
CA ASP F 140 -13.30 33.06 -29.88
CA ASP F 140 -13.28 33.05 -29.84
C ASP F 140 -14.74 33.34 -29.45
N THR F 141 -15.69 32.64 -30.07
CA THR F 141 -17.09 32.79 -29.69
C THR F 141 -17.30 32.22 -28.29
N VAL F 142 -16.64 31.11 -27.99
CA VAL F 142 -16.76 30.49 -26.67
C VAL F 142 -16.23 31.44 -25.59
N LYS F 143 -15.10 32.09 -25.85
CA LYS F 143 -14.56 33.05 -24.91
C LYS F 143 -15.48 34.27 -24.74
N LYS F 144 -16.18 34.67 -25.79
CA LYS F 144 -17.18 35.75 -25.63
C LYS F 144 -18.30 35.29 -24.68
N ILE F 145 -18.75 34.06 -24.85
CA ILE F 145 -19.76 33.50 -23.93
C ILE F 145 -19.26 33.55 -22.49
N GLU F 146 -18.01 33.10 -22.30
CA GLU F 146 -17.41 33.05 -20.97
C GLU F 146 -17.47 34.39 -20.27
N SER F 147 -17.32 35.48 -21.03
CA SER F 147 -17.24 36.81 -20.45
C SER F 147 -18.56 37.23 -19.80
N PHE F 148 -19.65 36.53 -20.11
CA PHE F 148 -20.94 36.84 -19.48
C PHE F 148 -21.28 35.95 -18.28
N GLY F 149 -20.37 35.05 -17.94
CA GLY F 149 -20.59 34.15 -16.83
C GLY F 149 -20.11 34.71 -15.49
N SER F 150 -20.31 33.93 -14.44
CA SER F 150 -19.98 34.37 -13.08
C SER F 150 -19.59 33.15 -12.27
N PRO F 151 -18.98 33.38 -11.09
CA PRO F 151 -18.49 32.22 -10.34
C PRO F 151 -19.56 31.19 -10.00
N LYS F 152 -20.78 31.63 -9.72
CA LYS F 152 -21.85 30.68 -9.42
C LYS F 152 -22.65 30.24 -10.65
N GLY F 153 -22.29 30.74 -11.84
CA GLY F 153 -22.81 30.19 -13.07
C GLY F 153 -23.90 30.97 -13.78
N SER F 154 -24.50 31.94 -13.10
CA SER F 154 -25.53 32.74 -13.74
CA SER F 154 -25.52 32.80 -13.70
C SER F 154 -24.91 33.58 -14.85
N VAL F 155 -25.68 33.81 -15.91
CA VAL F 155 -25.18 34.46 -17.12
C VAL F 155 -25.85 35.81 -17.25
N CYS F 156 -25.09 36.83 -17.61
CA CYS F 156 -25.59 38.20 -17.63
C CYS F 156 -26.52 38.50 -18.80
N ARG F 157 -26.47 37.64 -19.82
CA ARG F 157 -27.33 37.78 -20.99
C ARG F 157 -27.93 36.43 -21.30
N ARG F 158 -29.01 36.43 -22.06
CA ARG F 158 -29.57 35.19 -22.57
CA ARG F 158 -29.55 35.18 -22.55
C ARG F 158 -28.76 34.83 -23.80
N ILE F 159 -28.01 33.72 -23.72
CA ILE F 159 -27.10 33.31 -24.79
C ILE F 159 -27.71 32.14 -25.51
N THR F 160 -28.22 32.44 -26.71
CA THR F 160 -29.10 31.54 -27.42
C THR F 160 -28.43 30.98 -28.66
N ILE F 161 -28.67 29.70 -28.91
CA ILE F 161 -28.25 29.06 -30.15
C ILE F 161 -29.32 29.37 -31.20
N THR F 162 -29.05 30.34 -32.06
CA THR F 162 -30.07 30.81 -33.01
C THR F 162 -30.20 29.91 -34.23
N GLU F 163 -29.11 29.22 -34.58
CA GLU F 163 -29.10 28.23 -35.64
CA GLU F 163 -29.16 28.17 -35.58
C GLU F 163 -28.09 27.15 -35.29
N CYS F 164 -28.36 25.92 -35.70
CA CYS F 164 -27.39 24.86 -35.52
C CYS F 164 -27.65 23.79 -36.58
N GLY F 165 -26.67 22.91 -36.77
CA GLY F 165 -26.79 21.92 -37.81
C GLY F 165 -25.50 21.20 -38.06
N GLN F 166 -25.48 20.41 -39.13
CA GLN F 166 -24.32 19.63 -39.48
C GLN F 166 -23.72 20.18 -40.76
N ILE F 167 -22.40 20.27 -40.81
CA ILE F 167 -21.71 20.76 -41.99
C ILE F 167 -21.36 19.59 -42.89
#